data_5KJV
#
_entry.id   5KJV
#
_cell.length_a   37.550
_cell.length_b   56.690
_cell.length_c   107.840
_cell.angle_alpha   83.22
_cell.angle_beta   89.65
_cell.angle_gamma   72.29
#
_symmetry.space_group_name_H-M   'P 1'
#
loop_
_entity.id
_entity.type
_entity.pdbx_description
1 polymer 'Hydroxycinnamoyl transferase'
2 water water
#
_entity_poly.entity_id   1
_entity_poly.type   'polypeptide(L)'
_entity_poly.pdbx_seq_one_letter_code
;MKIHVRDSTLVRPSAATPAVSLWNSNVDLVVPNFHTPSVYFYRPSGADNFFDTAVMKAALGRALVSFYPMAGRLKRDEDG
RVEIDCNAEGVLFVEAESDGTVDDYGDFAPSLELRRLIPAVDYSQGISAYPLLVLQVTFFKCGGVSLGVGMQHHAADGFS
GLHFINTWSDMARGLDITLPPFIDRTLLSARDPPQPQFKHVEYQPPPAMKTYEPAETVVSIFKLTKDQLTTLKAKSKEDG
NTTTYSSYEMLSGHVWRCTCLARGLPEEQETKLYIATDGRSRLQPQLPPGYFGNVIFTATPLAVAGDLGSKPVWYAASKI
HDALARMDNDYLRSALDFLELQPDLKALVRGAHTFRCPNLGITSWVRLPIHDADFGWGRPIFMGPGGIAYEGLSFVLPSP
TNDGSLSVAISLQAEHMKLFEKLLYQI
;
_entity_poly.pdbx_strand_id   A,B
#
# COMPACT_ATOMS: atom_id res chain seq x y z
N MET A 1 -45.26 2.55 18.17
CA MET A 1 -46.11 1.94 17.10
C MET A 1 -46.41 0.49 17.44
N LYS A 2 -47.68 0.13 17.28
CA LYS A 2 -48.10 -1.25 17.37
C LYS A 2 -48.29 -1.87 15.99
N ILE A 3 -47.72 -3.05 15.81
CA ILE A 3 -47.89 -3.81 14.59
C ILE A 3 -48.54 -5.15 14.92
N HIS A 4 -49.50 -5.53 14.08
CA HIS A 4 -50.30 -6.71 14.32
C HIS A 4 -50.35 -7.51 13.03
N VAL A 5 -49.96 -8.79 13.12
CA VAL A 5 -49.97 -9.68 11.97
C VAL A 5 -51.38 -10.25 11.75
N ARG A 6 -51.91 -10.03 10.56
CA ARG A 6 -53.21 -10.57 10.14
C ARG A 6 -53.12 -11.99 9.58
N ASP A 7 -52.10 -12.26 8.76
CA ASP A 7 -51.92 -13.59 8.20
C ASP A 7 -50.46 -13.75 7.85
N SER A 8 -50.00 -14.99 7.76
CA SER A 8 -48.67 -15.29 7.26
C SER A 8 -48.75 -16.65 6.60
N THR A 9 -48.04 -16.82 5.50
CA THR A 9 -48.18 -18.01 4.70
C THR A 9 -46.92 -18.22 3.90
N LEU A 10 -46.63 -19.47 3.58
CA LEU A 10 -45.53 -19.78 2.68
C LEU A 10 -46.06 -19.81 1.27
N VAL A 11 -45.42 -19.04 0.39
CA VAL A 11 -45.82 -18.96 -1.01
C VAL A 11 -44.81 -19.73 -1.82
N ARG A 12 -45.30 -20.72 -2.53
CA ARG A 12 -44.43 -21.62 -3.28
C ARG A 12 -44.52 -21.25 -4.76
N PRO A 13 -43.61 -21.77 -5.55
CA PRO A 13 -43.71 -21.50 -6.98
C PRO A 13 -45.01 -22.01 -7.53
N SER A 14 -45.58 -21.28 -8.49
CA SER A 14 -46.88 -21.58 -9.07
C SER A 14 -46.84 -22.65 -10.16
N ALA A 15 -45.66 -23.21 -10.40
CA ALA A 15 -45.52 -24.31 -11.33
C ALA A 15 -44.31 -25.14 -10.90
N ALA A 16 -44.08 -26.26 -11.57
CA ALA A 16 -42.97 -27.12 -11.19
C ALA A 16 -41.64 -26.42 -11.41
N THR A 17 -40.66 -26.77 -10.59
CA THR A 17 -39.35 -26.17 -10.67
C THR A 17 -38.36 -27.28 -10.36
N PRO A 18 -37.10 -27.10 -10.78
CA PRO A 18 -36.08 -28.13 -10.60
C PRO A 18 -35.83 -28.46 -9.13
N ALA A 19 -35.77 -29.75 -8.83
CA ALA A 19 -35.44 -30.21 -7.52
C ALA A 19 -33.95 -30.49 -7.51
N VAL A 20 -33.17 -29.51 -7.10
CA VAL A 20 -31.72 -29.58 -7.22
C VAL A 20 -31.04 -28.97 -6.04
N SER A 21 -29.77 -29.29 -5.90
CA SER A 21 -28.91 -28.62 -4.93
C SER A 21 -28.07 -27.59 -5.69
N LEU A 22 -28.18 -26.34 -5.29
CA LEU A 22 -27.48 -25.25 -5.97
C LEU A 22 -26.20 -24.92 -5.24
N TRP A 23 -25.07 -25.05 -5.93
CA TRP A 23 -23.76 -24.78 -5.35
C TRP A 23 -23.58 -23.30 -5.12
N ASN A 24 -22.92 -22.97 -4.02
CA ASN A 24 -22.57 -21.61 -3.69
C ASN A 24 -21.08 -21.41 -4.00
N SER A 25 -20.80 -20.34 -4.75
CA SER A 25 -19.42 -19.94 -5.01
C SER A 25 -18.81 -19.31 -3.77
N ASN A 26 -17.50 -19.04 -3.82
CA ASN A 26 -16.83 -18.43 -2.68
C ASN A 26 -17.41 -17.06 -2.39
N VAL A 27 -17.91 -16.41 -3.43
CA VAL A 27 -18.50 -15.08 -3.27
C VAL A 27 -19.90 -15.19 -2.64
N ASP A 28 -20.60 -16.29 -2.90
CA ASP A 28 -21.87 -16.57 -2.23
C ASP A 28 -21.67 -16.92 -0.76
N LEU A 29 -20.46 -17.29 -0.34
CA LEU A 29 -20.26 -17.78 1.03
C LEU A 29 -19.71 -16.70 1.94
N VAL A 30 -18.99 -15.73 1.39
CA VAL A 30 -18.46 -14.65 2.21
C VAL A 30 -19.52 -13.54 2.35
N VAL A 31 -20.59 -13.91 3.06
CA VAL A 31 -21.75 -13.05 3.29
C VAL A 31 -22.28 -13.34 4.71
N PRO A 32 -23.02 -12.39 5.29
CA PRO A 32 -23.64 -12.58 6.62
C PRO A 32 -24.58 -13.76 6.67
N ASN A 33 -24.76 -14.31 7.86
CA ASN A 33 -25.76 -15.34 8.06
C ASN A 33 -27.11 -14.69 8.32
N PHE A 34 -27.29 -13.45 7.85
CA PHE A 34 -28.57 -12.74 8.01
C PHE A 34 -29.35 -12.52 6.72
N HIS A 35 -30.58 -12.06 6.91
CA HIS A 35 -31.42 -11.66 5.81
C HIS A 35 -31.16 -10.19 5.54
N THR A 36 -30.68 -9.86 4.35
CA THR A 36 -30.39 -8.49 4.02
C THR A 36 -31.74 -7.73 3.98
N PRO A 37 -31.90 -6.63 4.77
CA PRO A 37 -33.18 -5.92 4.83
C PRO A 37 -33.30 -4.71 3.92
N SER A 38 -34.48 -4.58 3.33
CA SER A 38 -34.82 -3.42 2.52
C SER A 38 -36.29 -3.16 2.67
N VAL A 39 -36.65 -1.90 2.53
CA VAL A 39 -38.03 -1.46 2.72
C VAL A 39 -38.43 -0.49 1.64
N TYR A 40 -39.67 -0.64 1.20
CA TYR A 40 -40.31 0.17 0.22
C TYR A 40 -41.54 0.79 0.84
N PHE A 41 -41.76 2.09 0.62
CA PHE A 41 -42.98 2.76 1.05
C PHE A 41 -43.79 3.26 -0.15
N TYR A 42 -45.10 3.17 -0.04
CA TYR A 42 -46.04 3.57 -1.09
C TYR A 42 -47.19 4.39 -0.50
N ARG A 43 -47.57 5.45 -1.19
CA ARG A 43 -48.74 6.26 -0.81
C ARG A 43 -49.98 5.73 -1.54
N PRO A 44 -51.17 5.86 -0.92
CA PRO A 44 -52.41 5.42 -1.56
C PRO A 44 -52.56 6.04 -2.92
N SER A 45 -53.04 5.25 -3.88
CA SER A 45 -53.12 5.72 -5.27
C SER A 45 -54.55 6.19 -5.58
N GLY A 46 -55.48 5.83 -4.71
CA GLY A 46 -56.90 6.05 -4.96
C GLY A 46 -57.60 4.79 -5.40
N ALA A 47 -56.83 3.78 -5.81
CA ALA A 47 -57.40 2.53 -6.28
C ALA A 47 -58.09 1.78 -5.16
N ASP A 48 -59.09 1.00 -5.53
CA ASP A 48 -59.88 0.28 -4.56
C ASP A 48 -59.20 -1.01 -4.14
N ASN A 49 -58.19 -1.44 -4.87
CA ASN A 49 -57.55 -2.69 -4.53
C ASN A 49 -56.09 -2.48 -4.17
N PHE A 50 -55.80 -1.34 -3.54
CA PHE A 50 -54.44 -0.94 -3.16
C PHE A 50 -53.73 -2.06 -2.42
N PHE A 51 -52.73 -2.63 -3.08
CA PHE A 51 -51.86 -3.68 -2.54
C PHE A 51 -52.67 -4.88 -2.09
N ASP A 52 -53.67 -5.20 -2.91
CA ASP A 52 -54.40 -6.46 -2.81
C ASP A 52 -53.39 -7.60 -2.64
N THR A 53 -53.38 -8.23 -1.49
CA THR A 53 -52.39 -9.28 -1.25
C THR A 53 -52.57 -10.52 -2.13
N ALA A 54 -53.79 -10.77 -2.62
CA ALA A 54 -54.01 -11.86 -3.57
C ALA A 54 -53.25 -11.61 -4.86
N VAL A 55 -53.25 -10.36 -5.32
CA VAL A 55 -52.48 -9.98 -6.51
C VAL A 55 -51.03 -10.13 -6.23
N MET A 56 -50.61 -9.65 -5.07
CA MET A 56 -49.21 -9.75 -4.68
C MET A 56 -48.69 -11.22 -4.62
N LYS A 57 -49.44 -12.09 -3.94
CA LYS A 57 -49.02 -13.46 -3.72
C LYS A 57 -49.08 -14.29 -5.03
N ALA A 58 -50.02 -14.00 -5.91
CA ALA A 58 -50.10 -14.73 -7.16
C ALA A 58 -48.91 -14.37 -8.05
N ALA A 59 -48.59 -13.09 -8.11
CA ALA A 59 -47.46 -12.63 -8.89
C ALA A 59 -46.14 -13.17 -8.31
N LEU A 60 -46.08 -13.28 -6.99
CA LEU A 60 -44.92 -13.82 -6.29
C LEU A 60 -44.73 -15.29 -6.67
N GLY A 61 -45.82 -16.05 -6.71
CA GLY A 61 -45.74 -17.45 -7.04
C GLY A 61 -45.21 -17.62 -8.46
N ARG A 62 -45.59 -16.73 -9.36
CA ARG A 62 -45.12 -16.86 -10.75
C ARG A 62 -43.64 -16.52 -10.84
N ALA A 63 -43.23 -15.49 -10.11
CA ALA A 63 -41.87 -15.01 -10.16
C ALA A 63 -40.92 -16.08 -9.61
N LEU A 64 -41.41 -16.83 -8.62
CA LEU A 64 -40.62 -17.90 -8.00
C LEU A 64 -40.42 -19.12 -8.91
N VAL A 65 -41.19 -19.21 -9.98
CA VAL A 65 -40.94 -20.24 -10.96
C VAL A 65 -39.58 -19.98 -11.63
N SER A 66 -39.31 -18.73 -11.99
CA SER A 66 -38.03 -18.43 -12.62
C SER A 66 -36.95 -18.28 -11.55
N PHE A 67 -37.27 -17.67 -10.40
CA PHE A 67 -36.29 -17.52 -9.32
C PHE A 67 -36.42 -18.62 -8.27
N TYR A 68 -36.50 -19.87 -8.70
CA TYR A 68 -36.89 -20.92 -7.79
C TYR A 68 -35.95 -21.17 -6.62
N PRO A 69 -34.64 -20.85 -6.75
CA PRO A 69 -33.86 -21.06 -5.53
C PRO A 69 -34.29 -20.15 -4.40
N MET A 70 -34.90 -19.01 -4.71
CA MET A 70 -35.44 -18.15 -3.70
C MET A 70 -36.43 -18.92 -2.80
N ALA A 71 -37.05 -19.99 -3.32
CA ALA A 71 -38.04 -20.73 -2.57
C ALA A 71 -37.45 -21.92 -1.80
N GLY A 72 -36.13 -22.06 -1.87
CA GLY A 72 -35.40 -23.15 -1.23
C GLY A 72 -35.04 -22.93 0.22
N ARG A 73 -34.17 -23.80 0.68
CA ARG A 73 -33.61 -23.76 2.02
C ARG A 73 -32.09 -23.96 1.96
N LEU A 74 -31.36 -23.43 2.94
CA LEU A 74 -29.96 -23.78 3.08
C LEU A 74 -29.81 -25.22 3.60
N LYS A 75 -28.79 -25.90 3.13
CA LYS A 75 -28.36 -27.18 3.69
C LYS A 75 -26.85 -27.22 3.49
N ARG A 76 -26.20 -28.21 4.11
CA ARG A 76 -24.77 -28.41 3.90
C ARG A 76 -24.54 -29.69 3.12
N ASP A 77 -23.57 -29.67 2.22
CA ASP A 77 -23.22 -30.89 1.47
C ASP A 77 -22.42 -31.81 2.39
N GLU A 78 -21.95 -32.96 1.90
CA GLU A 78 -21.17 -33.86 2.76
C GLU A 78 -19.98 -33.16 3.42
N ASP A 79 -19.30 -32.29 2.68
CA ASP A 79 -18.08 -31.66 3.18
C ASP A 79 -18.36 -30.47 4.09
N GLY A 80 -19.64 -30.18 4.33
CA GLY A 80 -20.02 -29.10 5.22
C GLY A 80 -20.17 -27.73 4.57
N ARG A 81 -20.12 -27.69 3.23
CA ARG A 81 -20.25 -26.42 2.52
C ARG A 81 -21.74 -26.07 2.39
N VAL A 82 -22.10 -24.82 2.67
CA VAL A 82 -23.50 -24.39 2.56
C VAL A 82 -23.91 -24.36 1.10
N GLU A 83 -25.07 -24.92 0.80
CA GLU A 83 -25.62 -24.90 -0.55
C GLU A 83 -27.10 -24.60 -0.41
N ILE A 84 -27.75 -24.37 -1.54
CA ILE A 84 -29.18 -24.11 -1.50
C ILE A 84 -29.94 -25.34 -2.01
N ASP A 85 -30.72 -25.92 -1.12
CA ASP A 85 -31.60 -27.03 -1.44
C ASP A 85 -32.79 -26.43 -2.08
N CYS A 86 -32.91 -26.62 -3.39
CA CYS A 86 -33.99 -26.02 -4.12
C CYS A 86 -35.20 -26.93 -4.01
N ASN A 87 -35.86 -26.87 -2.85
CA ASN A 87 -36.95 -27.79 -2.52
C ASN A 87 -38.36 -27.17 -2.63
N ALA A 88 -38.42 -25.91 -3.03
CA ALA A 88 -39.68 -25.20 -3.22
C ALA A 88 -40.57 -25.22 -1.99
N GLU A 89 -39.97 -25.23 -0.80
CA GLU A 89 -40.76 -25.16 0.44
C GLU A 89 -41.46 -23.82 0.59
N GLY A 90 -40.95 -22.81 -0.10
CA GLY A 90 -41.63 -21.53 -0.17
C GLY A 90 -41.05 -20.35 0.60
N VAL A 91 -41.53 -19.18 0.21
CA VAL A 91 -41.14 -17.89 0.73
C VAL A 91 -42.15 -17.47 1.77
N LEU A 92 -41.74 -16.77 2.81
CA LEU A 92 -42.68 -16.27 3.79
C LEU A 92 -43.33 -14.93 3.40
N PHE A 93 -44.65 -14.88 3.45
CA PHE A 93 -45.42 -13.67 3.13
C PHE A 93 -46.32 -13.32 4.28
N VAL A 94 -46.10 -12.15 4.84
CA VAL A 94 -46.80 -11.68 6.04
C VAL A 94 -47.60 -10.46 5.67
N GLU A 95 -48.88 -10.50 6.01
CA GLU A 95 -49.75 -9.33 5.94
C GLU A 95 -49.87 -8.80 7.35
N ALA A 96 -49.52 -7.52 7.50
CA ALA A 96 -49.47 -6.85 8.76
C ALA A 96 -50.25 -5.54 8.73
N GLU A 97 -50.73 -5.09 9.89
CA GLU A 97 -51.29 -3.74 10.00
C GLU A 97 -50.61 -3.01 11.15
N SER A 98 -50.54 -1.69 11.00
CA SER A 98 -49.88 -0.81 11.96
C SER A 98 -50.79 0.27 12.43
N ASP A 99 -50.68 0.64 13.71
CA ASP A 99 -51.47 1.75 14.25
C ASP A 99 -50.78 3.09 14.02
N GLY A 100 -49.71 3.08 13.24
CA GLY A 100 -49.02 4.31 12.88
C GLY A 100 -49.23 4.70 11.43
N THR A 101 -48.43 5.66 10.98
CA THR A 101 -48.59 6.20 9.64
C THR A 101 -47.24 6.24 8.94
N VAL A 102 -47.28 6.35 7.61
CA VAL A 102 -46.08 6.51 6.82
C VAL A 102 -45.39 7.80 7.18
N ASP A 103 -46.18 8.81 7.50
CA ASP A 103 -45.62 10.09 7.92
C ASP A 103 -44.76 9.93 9.15
N ASP A 104 -45.04 8.92 9.98
CA ASP A 104 -44.31 8.75 11.23
C ASP A 104 -42.82 8.49 11.00
N TYR A 105 -42.48 7.99 9.81
CA TYR A 105 -41.09 7.72 9.47
C TYR A 105 -40.36 8.92 8.89
N GLY A 106 -41.08 10.03 8.73
CA GLY A 106 -40.45 11.29 8.36
C GLY A 106 -39.64 11.21 7.10
N ASP A 107 -38.34 11.47 7.21
CA ASP A 107 -37.47 11.50 6.03
C ASP A 107 -36.94 10.11 5.68
N PHE A 108 -37.44 9.09 6.37
CA PHE A 108 -37.09 7.70 6.11
C PHE A 108 -35.61 7.36 6.41
N ALA A 109 -34.99 8.08 7.34
CA ALA A 109 -33.64 7.72 7.77
C ALA A 109 -33.70 6.25 8.19
N PRO A 110 -32.77 5.43 7.69
CA PRO A 110 -32.98 4.00 7.89
C PRO A 110 -32.45 3.56 9.25
N SER A 111 -33.24 3.88 10.26
CA SER A 111 -32.99 3.44 11.63
C SER A 111 -33.48 2.02 11.80
N LEU A 112 -33.28 1.47 13.00
CA LEU A 112 -33.64 0.09 13.23
C LEU A 112 -35.12 -0.05 13.49
N GLU A 113 -35.86 1.05 13.48
CA GLU A 113 -37.33 0.96 13.51
C GLU A 113 -37.86 0.27 12.24
N LEU A 114 -37.13 0.35 11.14
CA LEU A 114 -37.59 -0.26 9.90
C LEU A 114 -37.58 -1.77 9.98
N ARG A 115 -36.85 -2.34 10.93
CA ARG A 115 -36.73 -3.79 11.00
C ARG A 115 -38.05 -4.40 11.36
N ARG A 116 -38.94 -3.58 11.94
CA ARG A 116 -40.23 -4.06 12.36
C ARG A 116 -41.16 -4.23 11.18
N LEU A 117 -40.78 -3.68 10.02
CA LEU A 117 -41.53 -3.87 8.80
C LEU A 117 -41.10 -5.06 7.97
N ILE A 118 -40.22 -5.89 8.52
CA ILE A 118 -39.70 -7.06 7.86
C ILE A 118 -39.90 -8.23 8.81
N PRO A 119 -40.25 -9.42 8.31
CA PRO A 119 -40.46 -10.44 9.34
C PRO A 119 -39.17 -10.83 10.03
N ALA A 120 -39.32 -11.11 11.32
CA ALA A 120 -38.25 -11.63 12.17
C ALA A 120 -37.87 -13.05 11.80
N VAL A 121 -36.60 -13.37 11.93
CA VAL A 121 -36.13 -14.70 11.63
C VAL A 121 -35.35 -15.25 12.81
N ASP A 122 -35.70 -16.46 13.21
CA ASP A 122 -35.03 -17.11 14.30
C ASP A 122 -33.86 -17.93 13.73
N TYR A 123 -32.66 -17.47 14.03
CA TYR A 123 -31.45 -18.11 13.55
C TYR A 123 -30.91 -19.17 14.52
N SER A 124 -31.63 -19.44 15.59
CA SER A 124 -31.14 -20.36 16.62
C SER A 124 -31.53 -21.82 16.41
N GLN A 125 -32.25 -22.12 15.34
CA GLN A 125 -32.72 -23.48 15.06
C GLN A 125 -31.97 -24.14 13.91
N GLY A 126 -30.79 -23.62 13.61
CA GLY A 126 -30.00 -24.12 12.51
C GLY A 126 -30.37 -23.44 11.20
N ILE A 127 -29.53 -23.63 10.19
CA ILE A 127 -29.64 -22.87 8.95
C ILE A 127 -30.78 -23.30 8.01
N SER A 128 -31.36 -24.48 8.20
CA SER A 128 -32.43 -24.95 7.32
C SER A 128 -33.82 -24.57 7.82
N ALA A 129 -33.88 -23.94 8.98
CA ALA A 129 -35.18 -23.76 9.65
C ALA A 129 -36.03 -22.63 9.02
N TYR A 130 -35.38 -21.72 8.30
CA TYR A 130 -36.05 -20.51 7.84
C TYR A 130 -36.03 -20.36 6.32
N PRO A 131 -37.05 -19.69 5.76
CA PRO A 131 -37.01 -19.42 4.32
C PRO A 131 -35.86 -18.46 3.92
N LEU A 132 -35.49 -18.48 2.66
CA LEU A 132 -34.44 -17.61 2.15
C LEU A 132 -34.99 -16.24 1.87
N LEU A 133 -36.31 -16.11 1.78
CA LEU A 133 -36.88 -14.80 1.50
C LEU A 133 -38.10 -14.64 2.40
N VAL A 134 -38.14 -13.49 3.08
CA VAL A 134 -39.24 -13.18 3.98
C VAL A 134 -39.76 -11.79 3.60
N LEU A 135 -41.08 -11.70 3.52
CA LEU A 135 -41.75 -10.55 2.93
C LEU A 135 -42.88 -10.11 3.83
N GLN A 136 -43.03 -8.80 3.99
CA GLN A 136 -44.12 -8.25 4.76
C GLN A 136 -44.73 -7.06 4.07
N VAL A 137 -46.03 -7.15 3.82
CA VAL A 137 -46.80 -6.00 3.43
C VAL A 137 -47.50 -5.47 4.65
N THR A 138 -47.16 -4.25 5.03
CA THR A 138 -47.78 -3.59 6.20
C THR A 138 -48.68 -2.48 5.75
N PHE A 139 -49.91 -2.55 6.24
CA PHE A 139 -50.95 -1.54 5.97
C PHE A 139 -51.04 -0.58 7.11
N PHE A 140 -50.71 0.67 6.81
CA PHE A 140 -50.71 1.71 7.83
C PHE A 140 -52.07 2.35 7.94
N LYS A 141 -52.32 2.98 9.07
CA LYS A 141 -53.63 3.55 9.37
C LYS A 141 -53.97 4.65 8.37
N CYS A 142 -52.95 5.23 7.76
CA CYS A 142 -53.11 6.37 6.88
C CYS A 142 -53.49 5.93 5.50
N GLY A 143 -53.52 4.62 5.27
CA GLY A 143 -53.75 4.10 3.94
C GLY A 143 -52.49 3.72 3.18
N GLY A 144 -51.33 4.13 3.68
CA GLY A 144 -50.07 3.80 3.03
C GLY A 144 -49.65 2.36 3.32
N VAL A 145 -48.65 1.89 2.60
CA VAL A 145 -48.18 0.54 2.67
C VAL A 145 -46.69 0.55 2.64
N SER A 146 -46.09 -0.38 3.38
CA SER A 146 -44.67 -0.70 3.22
C SER A 146 -44.51 -2.15 2.81
N LEU A 147 -43.56 -2.38 1.92
CA LEU A 147 -43.10 -3.70 1.59
C LEU A 147 -41.73 -3.89 2.22
N GLY A 148 -41.63 -4.88 3.07
CA GLY A 148 -40.40 -5.17 3.78
C GLY A 148 -39.88 -6.48 3.24
N VAL A 149 -38.60 -6.49 2.94
CA VAL A 149 -37.97 -7.62 2.27
C VAL A 149 -36.74 -8.07 3.08
N GLY A 150 -36.65 -9.35 3.38
CA GLY A 150 -35.49 -9.91 4.05
C GLY A 150 -34.97 -11.02 3.18
N MET A 151 -33.76 -10.85 2.63
CA MET A 151 -33.22 -11.80 1.66
C MET A 151 -31.93 -12.43 2.14
N GLN A 152 -31.92 -13.76 2.22
CA GLN A 152 -30.77 -14.44 2.81
C GLN A 152 -29.64 -14.33 1.80
N HIS A 153 -28.50 -13.86 2.28
CA HIS A 153 -27.45 -13.36 1.39
C HIS A 153 -26.78 -14.47 0.55
N HIS A 154 -26.81 -15.73 1.03
CA HIS A 154 -26.27 -16.84 0.26
C HIS A 154 -27.02 -16.98 -1.07
N ALA A 155 -28.31 -16.66 -1.07
CA ALA A 155 -29.07 -16.82 -2.30
C ALA A 155 -28.69 -15.78 -3.36
N ALA A 156 -28.49 -14.54 -2.97
CA ALA A 156 -28.26 -13.48 -3.95
C ALA A 156 -27.74 -12.18 -3.34
N ASP A 157 -27.01 -11.42 -4.15
CA ASP A 157 -26.62 -10.08 -3.75
C ASP A 157 -27.72 -9.10 -4.09
N GLY A 158 -27.47 -7.83 -3.81
CA GLY A 158 -28.45 -6.80 -4.05
C GLY A 158 -28.92 -6.74 -5.48
N PHE A 159 -28.04 -7.00 -6.42
CA PHE A 159 -28.38 -6.85 -7.82
C PHE A 159 -29.41 -7.90 -8.24
N SER A 160 -29.18 -9.14 -7.83
CA SER A 160 -30.10 -10.22 -8.10
C SER A 160 -31.36 -10.05 -7.29
N GLY A 161 -31.25 -9.51 -6.09
CA GLY A 161 -32.40 -9.25 -5.25
C GLY A 161 -33.35 -8.25 -5.91
N LEU A 162 -32.77 -7.18 -6.44
CA LEU A 162 -33.53 -6.19 -7.17
C LEU A 162 -34.14 -6.76 -8.44
N HIS A 163 -33.37 -7.59 -9.13
CA HIS A 163 -33.86 -8.30 -10.30
C HIS A 163 -35.14 -9.05 -9.93
N PHE A 164 -35.09 -9.77 -8.81
CA PHE A 164 -36.27 -10.49 -8.35
C PHE A 164 -37.46 -9.56 -8.02
N ILE A 165 -37.24 -8.55 -7.20
CA ILE A 165 -38.33 -7.71 -6.76
C ILE A 165 -38.93 -6.99 -7.96
N ASN A 166 -38.08 -6.55 -8.89
CA ASN A 166 -38.67 -5.82 -10.02
C ASN A 166 -39.42 -6.77 -10.96
N THR A 167 -39.00 -8.03 -11.03
CA THR A 167 -39.68 -9.03 -11.84
C THR A 167 -41.06 -9.31 -11.23
N TRP A 168 -41.06 -9.49 -9.91
CA TRP A 168 -42.29 -9.68 -9.16
C TRP A 168 -43.28 -8.53 -9.45
N SER A 169 -42.83 -7.29 -9.33
CA SER A 169 -43.74 -6.17 -9.56
C SER A 169 -44.22 -6.14 -11.02
N ASP A 170 -43.34 -6.44 -11.99
CA ASP A 170 -43.78 -6.55 -13.38
C ASP A 170 -44.90 -7.55 -13.49
N MET A 171 -44.74 -8.70 -12.85
CA MET A 171 -45.73 -9.74 -13.00
C MET A 171 -47.02 -9.34 -12.30
N ALA A 172 -46.93 -8.55 -11.24
CA ALA A 172 -48.13 -8.09 -10.58
C ALA A 172 -48.92 -7.17 -11.52
N ARG A 173 -48.22 -6.50 -12.45
CA ARG A 173 -48.84 -5.59 -13.40
C ARG A 173 -49.22 -6.31 -14.69
N GLY A 174 -49.07 -7.64 -14.68
CA GLY A 174 -49.53 -8.48 -15.77
C GLY A 174 -48.47 -8.79 -16.82
N LEU A 175 -47.24 -8.36 -16.57
CA LEU A 175 -46.18 -8.50 -17.58
C LEU A 175 -45.54 -9.88 -17.49
N ASP A 176 -44.86 -10.27 -18.56
CA ASP A 176 -44.05 -11.47 -18.57
C ASP A 176 -42.65 -11.06 -18.16
N ILE A 177 -41.80 -12.03 -17.90
CA ILE A 177 -40.47 -11.75 -17.43
C ILE A 177 -39.63 -11.07 -18.52
N THR A 178 -38.91 -10.03 -18.16
CA THR A 178 -38.09 -9.30 -19.13
C THR A 178 -36.72 -9.95 -19.29
N LEU A 179 -36.10 -10.25 -18.17
CA LEU A 179 -34.76 -10.84 -18.13
C LEU A 179 -34.79 -12.12 -17.32
N PRO A 180 -34.86 -13.27 -18.01
CA PRO A 180 -34.83 -14.55 -17.32
C PRO A 180 -33.53 -14.67 -16.50
N PRO A 181 -33.63 -15.09 -15.25
CA PRO A 181 -32.39 -15.27 -14.52
C PRO A 181 -31.60 -16.46 -15.07
N PHE A 182 -30.29 -16.40 -14.92
CA PHE A 182 -29.38 -17.46 -15.26
C PHE A 182 -28.88 -18.00 -13.94
N ILE A 183 -29.02 -19.31 -13.74
CA ILE A 183 -28.80 -19.92 -12.44
C ILE A 183 -27.74 -20.98 -12.54
N ASP A 184 -26.52 -20.62 -12.15
CA ASP A 184 -25.37 -21.53 -12.18
C ASP A 184 -24.14 -20.78 -11.69
N ARG A 185 -23.83 -20.94 -10.41
CA ARG A 185 -22.78 -20.17 -9.81
C ARG A 185 -21.38 -20.79 -10.07
N THR A 186 -21.32 -21.92 -10.76
CA THR A 186 -20.06 -22.60 -10.97
C THR A 186 -19.18 -21.78 -11.91
N LEU A 187 -19.77 -20.79 -12.59
CA LEU A 187 -18.97 -19.87 -13.40
C LEU A 187 -18.02 -19.05 -12.54
N LEU A 188 -18.27 -18.98 -11.23
CA LEU A 188 -17.36 -18.27 -10.31
C LEU A 188 -16.49 -19.23 -9.47
N SER A 189 -16.28 -20.45 -9.95
CA SER A 189 -15.37 -21.40 -9.31
C SER A 189 -13.97 -20.86 -9.36
N ALA A 190 -13.22 -21.13 -8.29
CA ALA A 190 -11.79 -20.85 -8.27
C ALA A 190 -11.10 -21.66 -9.33
N ARG A 191 -9.90 -21.23 -9.71
CA ARG A 191 -9.06 -22.09 -10.52
C ARG A 191 -8.54 -23.27 -9.69
N ASP A 192 -8.20 -24.33 -10.40
CA ASP A 192 -7.59 -25.53 -9.82
C ASP A 192 -6.24 -25.80 -10.48
N PRO A 193 -5.12 -25.60 -9.76
CA PRO A 193 -5.02 -25.11 -8.37
C PRO A 193 -5.30 -23.62 -8.26
N PRO A 194 -5.72 -23.14 -7.08
CA PRO A 194 -5.88 -21.71 -6.88
C PRO A 194 -4.55 -20.98 -7.04
N GLN A 195 -4.56 -19.86 -7.77
CA GLN A 195 -3.36 -19.07 -8.07
C GLN A 195 -3.56 -17.60 -7.71
N PRO A 196 -3.60 -17.28 -6.42
CA PRO A 196 -3.83 -15.88 -6.05
C PRO A 196 -2.65 -15.05 -6.48
N GLN A 197 -2.90 -13.83 -6.92
CA GLN A 197 -1.88 -12.89 -7.36
C GLN A 197 -1.39 -11.97 -6.24
N PHE A 198 -2.29 -11.67 -5.31
CA PHE A 198 -2.02 -10.67 -4.28
C PHE A 198 -2.39 -11.25 -2.95
N LYS A 199 -1.89 -10.60 -1.91
CA LYS A 199 -2.35 -10.78 -0.54
C LYS A 199 -3.45 -9.75 -0.34
N HIS A 200 -4.67 -10.15 -0.68
CA HIS A 200 -5.72 -9.19 -1.02
C HIS A 200 -6.00 -8.16 0.10
N VAL A 201 -5.72 -6.89 -0.22
CA VAL A 201 -5.81 -5.81 0.74
C VAL A 201 -7.21 -5.76 1.36
N GLU A 202 -8.22 -6.10 0.58
CA GLU A 202 -9.61 -6.05 1.05
C GLU A 202 -9.98 -7.02 2.17
N TYR A 203 -9.16 -8.03 2.41
CA TYR A 203 -9.43 -8.98 3.48
C TYR A 203 -8.43 -8.81 4.62
N GLN A 204 -7.57 -7.81 4.52
CA GLN A 204 -6.62 -7.51 5.57
C GLN A 204 -7.29 -6.66 6.66
N PRO A 205 -6.78 -6.76 7.91
CA PRO A 205 -7.28 -5.96 9.04
C PRO A 205 -7.14 -4.45 8.83
N PRO A 206 -8.17 -3.67 9.14
CA PRO A 206 -8.14 -2.23 8.86
C PRO A 206 -7.37 -1.44 9.90
N PRO A 207 -7.15 -0.14 9.67
CA PRO A 207 -6.54 0.69 10.70
C PRO A 207 -7.43 0.73 11.94
N ALA A 208 -6.79 0.98 13.08
CA ALA A 208 -7.44 1.03 14.40
C ALA A 208 -7.14 2.33 15.12
N MET A 209 -7.93 2.60 16.16
CA MET A 209 -7.94 3.88 16.88
C MET A 209 -7.09 3.96 18.17
N LYS A 210 -6.62 2.83 18.68
CA LYS A 210 -5.69 2.83 19.82
C LYS A 210 -6.46 3.01 21.16
N THR A 211 -7.58 3.72 21.14
CA THR A 211 -8.53 3.72 22.26
C THR A 211 -9.97 3.66 21.74
N TYR A 212 -10.89 3.16 22.56
CA TYR A 212 -12.30 3.10 22.17
C TYR A 212 -13.20 3.41 23.33
N GLU A 213 -14.27 4.10 23.03
CA GLU A 213 -15.18 4.48 24.04
C GLU A 213 -16.49 4.19 23.47
N PRO A 214 -17.47 4.36 24.31
CA PRO A 214 -18.41 3.41 23.61
C PRO A 214 -19.32 3.72 22.43
N ALA A 215 -19.91 4.90 22.36
CA ALA A 215 -20.67 5.27 21.16
C ALA A 215 -21.97 4.49 20.94
N GLU A 216 -23.09 5.18 21.10
CA GLU A 216 -24.31 4.80 20.43
C GLU A 216 -24.21 5.37 19.02
N THR A 217 -24.88 4.74 18.06
CA THR A 217 -24.88 5.30 16.72
C THR A 217 -26.26 5.81 16.39
N VAL A 218 -26.29 6.96 15.72
CA VAL A 218 -27.52 7.48 15.12
C VAL A 218 -27.44 7.34 13.60
N VAL A 219 -28.61 7.18 12.98
CA VAL A 219 -28.74 7.09 11.54
C VAL A 219 -29.47 8.33 11.03
N SER A 220 -28.84 9.03 10.08
CA SER A 220 -29.48 10.19 9.45
C SER A 220 -29.43 10.05 7.94
N ILE A 221 -30.17 10.90 7.27
CA ILE A 221 -30.19 10.92 5.83
C ILE A 221 -30.23 12.36 5.34
N PHE A 222 -29.45 12.64 4.29
CA PHE A 222 -29.20 14.00 3.82
C PHE A 222 -29.33 14.07 2.32
N LYS A 223 -30.13 15.01 1.84
CA LYS A 223 -30.34 15.17 0.43
C LYS A 223 -29.35 16.17 -0.14
N LEU A 224 -28.82 15.83 -1.30
CA LEU A 224 -27.99 16.72 -2.08
C LEU A 224 -28.71 16.95 -3.40
N THR A 225 -28.86 18.21 -3.75
CA THR A 225 -29.53 18.58 -5.00
C THR A 225 -28.63 18.35 -6.22
N LYS A 226 -29.25 18.33 -7.40
CA LYS A 226 -28.52 18.22 -8.64
C LYS A 226 -27.50 19.33 -8.75
N ASP A 227 -27.91 20.56 -8.45
CA ASP A 227 -26.99 21.69 -8.45
C ASP A 227 -25.78 21.46 -7.55
N GLN A 228 -26.04 20.98 -6.33
CA GLN A 228 -24.93 20.70 -5.40
C GLN A 228 -24.00 19.62 -5.91
N LEU A 229 -24.53 18.62 -6.59
CA LEU A 229 -23.71 17.54 -7.11
C LEU A 229 -22.88 18.03 -8.29
N THR A 230 -23.47 18.92 -9.07
CA THR A 230 -22.76 19.46 -10.23
C THR A 230 -21.61 20.31 -9.75
N THR A 231 -21.91 21.12 -8.74
CA THR A 231 -20.88 21.96 -8.12
C THR A 231 -19.75 21.10 -7.56
N LEU A 232 -20.12 20.03 -6.89
CA LEU A 232 -19.14 19.12 -6.30
C LEU A 232 -18.22 18.51 -7.36
N LYS A 233 -18.82 18.04 -8.45
CA LYS A 233 -18.02 17.41 -9.50
C LYS A 233 -17.01 18.40 -10.11
N ALA A 234 -17.41 19.65 -10.25
CA ALA A 234 -16.60 20.69 -10.84
C ALA A 234 -15.38 21.02 -9.97
N LYS A 235 -15.39 20.61 -8.71
CA LYS A 235 -14.24 20.81 -7.82
C LYS A 235 -13.07 19.97 -8.23
N SER A 236 -13.24 19.12 -9.24
CA SER A 236 -12.08 18.36 -9.72
C SER A 236 -11.00 19.29 -10.29
N LYS A 237 -11.37 20.51 -10.65
CA LYS A 237 -10.42 21.47 -11.20
C LYS A 237 -9.58 22.20 -10.15
N GLU A 238 -9.85 21.93 -8.88
CA GLU A 238 -9.15 22.60 -7.78
C GLU A 238 -7.64 22.41 -7.84
N ASP A 239 -6.88 23.42 -7.44
CA ASP A 239 -5.41 23.35 -7.45
C ASP A 239 -4.91 22.93 -8.83
N GLY A 240 -5.57 23.40 -9.87
CA GLY A 240 -5.10 23.19 -11.22
C GLY A 240 -5.05 21.73 -11.66
N ASN A 241 -5.80 20.87 -11.00
CA ASN A 241 -5.91 19.50 -11.44
C ASN A 241 -6.73 19.45 -12.72
N THR A 242 -6.35 18.58 -13.64
CA THR A 242 -7.08 18.44 -14.91
C THR A 242 -7.58 17.04 -15.19
N THR A 243 -7.32 16.08 -14.31
CA THR A 243 -7.95 14.77 -14.41
C THR A 243 -9.39 14.86 -13.88
N THR A 244 -10.32 14.24 -14.57
CA THR A 244 -11.71 14.33 -14.18
C THR A 244 -12.12 13.03 -13.52
N TYR A 245 -12.93 13.15 -12.49
CA TYR A 245 -13.46 11.99 -11.81
C TYR A 245 -14.98 11.99 -11.93
N SER A 246 -15.57 10.82 -11.81
CA SER A 246 -17.01 10.71 -12.00
C SER A 246 -17.76 11.35 -10.82
N SER A 247 -19.04 11.56 -10.99
CA SER A 247 -19.84 12.09 -9.88
C SER A 247 -19.81 11.10 -8.72
N TYR A 248 -19.88 9.81 -9.02
CA TYR A 248 -19.81 8.77 -7.98
C TYR A 248 -18.50 8.88 -7.19
N GLU A 249 -17.38 8.91 -7.91
CA GLU A 249 -16.07 9.03 -7.27
C GLU A 249 -15.93 10.30 -6.44
N MET A 250 -16.38 11.45 -6.97
CA MET A 250 -16.26 12.70 -6.25
C MET A 250 -17.17 12.70 -5.00
N LEU A 251 -18.38 12.17 -5.13
CA LEU A 251 -19.27 12.14 -3.96
C LEU A 251 -18.77 11.17 -2.92
N SER A 252 -18.29 10.01 -3.32
CA SER A 252 -17.81 9.05 -2.32
C SER A 252 -16.55 9.61 -1.65
N GLY A 253 -15.69 10.30 -2.40
CA GLY A 253 -14.52 10.90 -1.79
C GLY A 253 -14.95 12.00 -0.80
N HIS A 254 -15.94 12.80 -1.19
CA HIS A 254 -16.47 13.86 -0.35
C HIS A 254 -17.01 13.28 0.97
N VAL A 255 -17.75 12.18 0.89
CA VAL A 255 -18.35 11.55 2.08
C VAL A 255 -17.22 11.04 2.97
N TRP A 256 -16.24 10.38 2.35
CA TRP A 256 -15.07 9.87 3.08
C TRP A 256 -14.38 10.99 3.81
N ARG A 257 -14.05 12.07 3.11
CA ARG A 257 -13.37 13.22 3.68
C ARG A 257 -14.21 13.85 4.82
N CYS A 258 -15.49 14.04 4.57
CA CYS A 258 -16.40 14.56 5.59
C CYS A 258 -16.48 13.70 6.85
N THR A 259 -16.48 12.38 6.68
CA THR A 259 -16.55 11.45 7.81
C THR A 259 -15.31 11.57 8.68
N CYS A 260 -14.15 11.69 8.05
CA CYS A 260 -12.88 11.83 8.79
C CYS A 260 -12.84 13.09 9.60
N LEU A 261 -13.26 14.21 9.01
CA LEU A 261 -13.28 15.46 9.71
C LEU A 261 -14.39 15.45 10.78
N ALA A 262 -15.57 14.93 10.46
CA ALA A 262 -16.66 14.88 11.43
C ALA A 262 -16.25 14.10 12.68
N ARG A 263 -15.44 13.07 12.49
CA ARG A 263 -14.99 12.23 13.60
C ARG A 263 -13.78 12.79 14.35
N GLY A 264 -13.28 13.93 13.90
CA GLY A 264 -12.12 14.55 14.52
C GLY A 264 -10.91 13.63 14.58
N LEU A 265 -10.73 12.80 13.58
CA LEU A 265 -9.57 11.91 13.55
C LEU A 265 -8.28 12.72 13.61
N PRO A 266 -7.30 12.23 14.38
CA PRO A 266 -5.95 12.81 14.32
C PRO A 266 -5.43 12.85 12.91
N GLU A 267 -4.63 13.87 12.62
CA GLU A 267 -4.08 14.10 11.31
C GLU A 267 -3.33 12.90 10.75
N GLU A 268 -2.65 12.14 11.63
CA GLU A 268 -1.87 10.99 11.16
C GLU A 268 -2.67 9.70 11.08
N GLN A 269 -3.92 9.73 11.54
CA GLN A 269 -4.71 8.52 11.62
C GLN A 269 -4.97 7.96 10.22
N GLU A 270 -4.70 6.68 10.04
CA GLU A 270 -5.03 5.98 8.81
C GLU A 270 -6.52 5.62 8.76
N THR A 271 -7.08 5.59 7.56
CA THR A 271 -8.48 5.29 7.33
C THR A 271 -8.65 4.44 6.08
N LYS A 272 -9.52 3.43 6.18
CA LYS A 272 -9.81 2.53 5.10
C LYS A 272 -11.27 2.66 4.74
N LEU A 273 -11.53 2.82 3.45
CA LEU A 273 -12.87 2.89 2.92
C LEU A 273 -13.19 1.60 2.15
N TYR A 274 -14.37 1.02 2.42
CA TYR A 274 -14.82 -0.22 1.80
C TYR A 274 -15.92 0.11 0.82
N ILE A 275 -15.68 -0.21 -0.46
CA ILE A 275 -16.62 0.09 -1.50
C ILE A 275 -16.99 -1.19 -2.19
N ALA A 276 -18.26 -1.53 -2.16
CA ALA A 276 -18.72 -2.71 -2.87
C ALA A 276 -18.69 -2.44 -4.37
N THR A 277 -18.27 -3.42 -5.15
CA THR A 277 -18.26 -3.28 -6.60
C THR A 277 -18.75 -4.54 -7.26
N ASP A 278 -19.56 -4.37 -8.29
CA ASP A 278 -20.20 -5.49 -8.99
C ASP A 278 -19.26 -6.07 -10.03
N GLY A 279 -18.87 -7.31 -9.84
CA GLY A 279 -18.01 -8.02 -10.78
C GLY A 279 -18.66 -8.36 -12.11
N ARG A 280 -20.00 -8.32 -12.16
CA ARG A 280 -20.68 -8.59 -13.42
C ARG A 280 -20.14 -7.68 -14.53
N SER A 281 -19.65 -6.49 -14.16
CA SER A 281 -19.18 -5.51 -15.15
C SER A 281 -17.80 -5.83 -15.69
N ARG A 282 -17.00 -6.52 -14.89
CA ARG A 282 -15.58 -6.69 -15.20
C ARG A 282 -15.15 -8.13 -15.50
N LEU A 283 -15.93 -9.10 -15.06
CA LEU A 283 -15.47 -10.46 -15.22
C LEU A 283 -15.47 -10.82 -16.70
N GLN A 284 -14.50 -11.64 -17.08
CA GLN A 284 -14.38 -12.11 -18.46
C GLN A 284 -14.26 -13.63 -18.49
N PRO A 285 -14.94 -14.28 -19.45
CA PRO A 285 -15.91 -13.72 -20.39
C PRO A 285 -17.15 -13.18 -19.65
N GLN A 286 -17.98 -12.43 -20.36
CA GLN A 286 -19.13 -11.78 -19.74
C GLN A 286 -20.03 -12.80 -19.12
N LEU A 287 -20.29 -12.65 -17.83
CA LEU A 287 -21.30 -13.48 -17.19
C LEU A 287 -22.62 -13.33 -17.91
N PRO A 288 -23.40 -14.41 -17.98
CA PRO A 288 -24.67 -14.29 -18.68
C PRO A 288 -25.56 -13.24 -18.08
N PRO A 289 -26.37 -12.58 -18.89
CA PRO A 289 -27.30 -11.62 -18.30
C PRO A 289 -28.25 -12.30 -17.31
N GLY A 290 -28.54 -11.63 -16.22
CA GLY A 290 -29.46 -12.16 -15.23
C GLY A 290 -28.87 -13.19 -14.27
N TYR A 291 -27.54 -13.34 -14.33
CA TYR A 291 -26.81 -14.20 -13.44
C TYR A 291 -27.28 -14.05 -12.00
N PHE A 292 -27.69 -15.17 -11.42
CA PHE A 292 -28.34 -15.20 -10.13
C PHE A 292 -27.39 -15.66 -9.03
N GLY A 293 -26.99 -14.73 -8.17
CA GLY A 293 -26.11 -15.05 -7.06
C GLY A 293 -25.39 -13.83 -6.59
N ASN A 294 -24.21 -14.05 -6.02
CA ASN A 294 -23.39 -12.98 -5.49
C ASN A 294 -22.20 -12.77 -6.41
N VAL A 295 -21.96 -11.53 -6.81
CA VAL A 295 -20.83 -11.18 -7.63
C VAL A 295 -20.24 -9.87 -7.11
N ILE A 296 -20.41 -9.60 -5.81
CA ILE A 296 -19.91 -8.36 -5.25
C ILE A 296 -18.50 -8.55 -4.67
N PHE A 297 -17.61 -7.67 -5.10
CA PHE A 297 -16.21 -7.67 -4.67
C PHE A 297 -16.02 -6.33 -3.98
N THR A 298 -14.93 -6.17 -3.24
CA THR A 298 -14.72 -4.96 -2.45
C THR A 298 -13.44 -4.28 -2.85
N ALA A 299 -13.56 -3.01 -3.20
CA ALA A 299 -12.45 -2.09 -3.35
C ALA A 299 -12.17 -1.41 -2.02
N THR A 300 -10.91 -1.33 -1.61
CA THR A 300 -10.58 -0.72 -0.29
C THR A 300 -9.41 0.27 -0.37
N PRO A 301 -9.70 1.50 -0.82
CA PRO A 301 -8.68 2.51 -0.74
C PRO A 301 -8.29 2.83 0.69
N LEU A 302 -7.04 3.27 0.82
CA LEU A 302 -6.46 3.65 2.09
C LEU A 302 -5.93 5.07 2.04
N ALA A 303 -6.04 5.80 3.15
CA ALA A 303 -5.50 7.15 3.18
C ALA A 303 -5.11 7.55 4.59
N VAL A 304 -4.46 8.71 4.71
CA VAL A 304 -4.20 9.35 5.98
C VAL A 304 -5.22 10.50 6.16
N ALA A 305 -5.86 10.53 7.34
CA ALA A 305 -6.94 11.47 7.62
C ALA A 305 -6.53 12.91 7.32
N GLY A 306 -5.31 13.24 7.72
CA GLY A 306 -4.75 14.56 7.52
C GLY A 306 -4.60 14.96 6.08
N ASP A 307 -4.34 13.97 5.24
CA ASP A 307 -4.23 14.23 3.82
C ASP A 307 -5.62 14.41 3.22
N LEU A 308 -6.57 13.56 3.61
CA LEU A 308 -7.93 13.74 3.11
C LEU A 308 -8.41 15.12 3.48
N GLY A 309 -8.09 15.54 4.70
CA GLY A 309 -8.58 16.80 5.21
C GLY A 309 -7.97 18.00 4.52
N SER A 310 -6.67 17.93 4.26
CA SER A 310 -5.95 19.12 3.84
C SER A 310 -5.92 19.26 2.31
N LYS A 311 -6.41 18.25 1.60
CA LYS A 311 -6.37 18.25 0.12
C LYS A 311 -7.77 18.25 -0.49
N PRO A 312 -7.89 18.65 -1.76
CA PRO A 312 -9.19 18.71 -2.44
C PRO A 312 -9.88 17.37 -2.46
N VAL A 313 -11.19 17.40 -2.69
CA VAL A 313 -11.95 16.17 -2.76
C VAL A 313 -11.36 15.26 -3.84
N TRP A 314 -10.78 15.82 -4.90
CA TRP A 314 -10.33 14.92 -5.96
C TRP A 314 -9.18 14.05 -5.50
N TYR A 315 -8.53 14.42 -4.41
CA TYR A 315 -7.50 13.55 -3.86
C TYR A 315 -8.15 12.25 -3.37
N ALA A 316 -9.22 12.39 -2.60
CA ALA A 316 -9.94 11.19 -2.14
C ALA A 316 -10.55 10.45 -3.35
N ALA A 317 -11.07 11.20 -4.31
CA ALA A 317 -11.72 10.60 -5.46
C ALA A 317 -10.70 9.79 -6.28
N SER A 318 -9.46 10.23 -6.26
CA SER A 318 -8.43 9.60 -7.09
C SER A 318 -8.08 8.24 -6.49
N LYS A 319 -7.99 8.19 -5.16
CA LYS A 319 -7.78 6.95 -4.41
C LYS A 319 -8.88 5.94 -4.73
N ILE A 320 -10.11 6.46 -4.79
CA ILE A 320 -11.26 5.62 -5.02
C ILE A 320 -11.18 5.09 -6.44
N HIS A 321 -10.89 5.99 -7.37
CA HIS A 321 -10.77 5.62 -8.78
C HIS A 321 -9.72 4.54 -9.01
N ASP A 322 -8.55 4.74 -8.42
CA ASP A 322 -7.48 3.77 -8.55
C ASP A 322 -7.83 2.40 -7.93
N ALA A 323 -8.53 2.42 -6.79
CA ALA A 323 -8.83 1.19 -6.11
C ALA A 323 -9.86 0.41 -6.92
N LEU A 324 -10.75 1.14 -7.60
CA LEU A 324 -11.72 0.49 -8.46
C LEU A 324 -11.06 0.02 -9.77
N ALA A 325 -10.20 0.86 -10.32
CA ALA A 325 -9.58 0.55 -11.59
C ALA A 325 -8.79 -0.77 -11.56
N ARG A 326 -8.13 -1.09 -10.45
CA ARG A 326 -7.29 -2.27 -10.39
C ARG A 326 -8.11 -3.55 -10.38
N MET A 327 -9.41 -3.46 -10.16
CA MET A 327 -10.25 -4.66 -10.10
C MET A 327 -10.79 -5.13 -11.44
N ASP A 328 -9.86 -5.52 -12.29
CA ASP A 328 -10.17 -6.11 -13.56
C ASP A 328 -10.36 -7.60 -13.34
N ASN A 329 -10.59 -8.29 -14.44
CA ASN A 329 -10.85 -9.72 -14.42
C ASN A 329 -9.77 -10.49 -13.74
N ASP A 330 -8.51 -10.16 -14.01
CA ASP A 330 -7.42 -10.86 -13.34
C ASP A 330 -7.48 -10.71 -11.81
N TYR A 331 -7.85 -9.52 -11.34
CA TYR A 331 -7.83 -9.25 -9.91
C TYR A 331 -9.01 -9.96 -9.23
N LEU A 332 -10.14 -9.96 -9.92
CA LEU A 332 -11.33 -10.62 -9.40
C LEU A 332 -11.10 -12.13 -9.35
N ARG A 333 -10.45 -12.68 -10.37
CA ARG A 333 -10.14 -14.11 -10.39
C ARG A 333 -9.12 -14.46 -9.30
N SER A 334 -8.19 -13.54 -9.08
CA SER A 334 -7.24 -13.65 -7.97
C SER A 334 -8.01 -13.74 -6.66
N ALA A 335 -8.97 -12.85 -6.46
CA ALA A 335 -9.71 -12.83 -5.20
C ALA A 335 -10.43 -14.16 -4.99
N LEU A 336 -10.98 -14.76 -6.04
CA LEU A 336 -11.69 -16.04 -5.88
C LEU A 336 -10.76 -17.14 -5.38
N ASP A 337 -9.54 -17.12 -5.95
CA ASP A 337 -8.52 -18.11 -5.63
C ASP A 337 -8.02 -17.86 -4.20
N PHE A 338 -7.91 -16.60 -3.84
CA PHE A 338 -7.50 -16.22 -2.47
C PHE A 338 -8.48 -16.78 -1.43
N LEU A 339 -9.77 -16.58 -1.70
CA LEU A 339 -10.81 -17.16 -0.86
C LEU A 339 -10.74 -18.67 -0.79
N GLU A 340 -10.38 -19.32 -1.90
CA GLU A 340 -10.38 -20.78 -1.95
C GLU A 340 -9.37 -21.31 -0.96
N LEU A 341 -8.32 -20.53 -0.71
CA LEU A 341 -7.23 -20.99 0.13
C LEU A 341 -7.41 -20.59 1.58
N GLN A 342 -8.42 -19.79 1.89
CA GLN A 342 -8.69 -19.41 3.28
C GLN A 342 -9.25 -20.61 4.04
N PRO A 343 -8.89 -20.74 5.31
CA PRO A 343 -9.40 -21.90 6.06
C PRO A 343 -10.85 -21.72 6.48
N ASP A 344 -11.27 -20.48 6.75
CA ASP A 344 -12.64 -20.22 7.20
C ASP A 344 -13.19 -18.93 6.60
N LEU A 345 -14.15 -19.08 5.69
CA LEU A 345 -14.66 -17.94 4.96
C LEU A 345 -15.57 -17.04 5.77
N LYS A 346 -16.25 -17.59 6.78
CA LYS A 346 -17.13 -16.73 7.56
C LYS A 346 -16.28 -15.81 8.40
N ALA A 347 -15.00 -16.14 8.55
CA ALA A 347 -14.09 -15.27 9.30
C ALA A 347 -13.84 -13.97 8.56
N LEU A 348 -14.11 -13.97 7.26
CA LEU A 348 -13.85 -12.81 6.41
C LEU A 348 -15.04 -11.91 6.24
N VAL A 349 -16.17 -12.32 6.79
CA VAL A 349 -17.36 -11.50 6.71
C VAL A 349 -17.16 -10.28 7.59
N ARG A 350 -17.50 -9.11 7.07
CA ARG A 350 -17.18 -7.88 7.76
C ARG A 350 -18.32 -7.55 8.73
N GLY A 351 -17.95 -7.03 9.89
CA GLY A 351 -18.91 -6.67 10.92
C GLY A 351 -18.76 -5.24 11.40
N ALA A 352 -19.25 -4.99 12.61
CA ALA A 352 -19.24 -3.66 13.17
C ALA A 352 -17.81 -3.23 13.39
N HIS A 353 -16.97 -4.20 13.71
CA HIS A 353 -15.56 -3.99 13.98
C HIS A 353 -14.84 -3.39 12.76
N THR A 354 -15.29 -3.77 11.59
CA THR A 354 -14.66 -3.33 10.36
C THR A 354 -14.90 -1.85 10.10
N PHE A 355 -16.10 -1.37 10.43
CA PHE A 355 -16.55 -0.05 10.01
C PHE A 355 -16.56 0.99 11.11
N ARG A 356 -16.21 0.59 12.33
CA ARG A 356 -16.01 1.58 13.37
C ARG A 356 -15.02 2.61 12.90
N CYS A 357 -15.15 3.82 13.45
CA CYS A 357 -14.08 4.80 13.41
C CYS A 357 -12.72 4.10 13.56
N PRO A 358 -11.76 4.34 12.65
CA PRO A 358 -11.60 5.34 11.57
C PRO A 358 -12.10 4.96 10.20
N ASN A 359 -12.66 3.78 10.01
CA ASN A 359 -12.99 3.30 8.69
C ASN A 359 -14.41 3.54 8.31
N LEU A 360 -14.76 3.12 7.11
CA LEU A 360 -16.04 3.52 6.55
C LEU A 360 -16.42 2.58 5.45
N GLY A 361 -17.73 2.35 5.31
CA GLY A 361 -18.21 1.64 4.14
C GLY A 361 -19.23 2.52 3.43
N ILE A 362 -19.13 2.56 2.10
CA ILE A 362 -20.05 3.32 1.25
C ILE A 362 -20.60 2.43 0.18
N THR A 363 -21.91 2.26 0.22
CA THR A 363 -22.65 1.48 -0.75
C THR A 363 -23.51 2.43 -1.60
N SER A 364 -23.36 2.37 -2.93
CA SER A 364 -24.13 3.25 -3.81
C SER A 364 -25.18 2.49 -4.58
N TRP A 365 -26.42 2.97 -4.49
CA TRP A 365 -27.51 2.43 -5.27
C TRP A 365 -27.95 3.41 -6.38
N VAL A 366 -27.14 4.45 -6.57
CA VAL A 366 -27.48 5.51 -7.50
C VAL A 366 -27.67 5.01 -8.92
N ARG A 367 -26.91 4.02 -9.32
CA ARG A 367 -27.13 3.50 -10.65
C ARG A 367 -28.32 2.55 -10.85
N LEU A 368 -28.97 2.19 -9.76
CA LEU A 368 -29.82 0.99 -9.75
C LEU A 368 -31.34 1.33 -9.83
N PRO A 369 -32.14 0.46 -10.48
CA PRO A 369 -33.58 0.71 -10.61
C PRO A 369 -34.37 0.38 -9.33
N ILE A 370 -34.01 1.01 -8.23
CA ILE A 370 -34.61 0.65 -6.96
C ILE A 370 -36.06 1.09 -6.79
N HIS A 371 -36.49 2.07 -7.58
CA HIS A 371 -37.85 2.54 -7.53
C HIS A 371 -38.76 1.97 -8.64
N ASP A 372 -38.27 0.98 -9.40
CA ASP A 372 -39.07 0.38 -10.46
C ASP A 372 -40.07 -0.68 -9.95
N ALA A 373 -40.11 -0.90 -8.65
CA ALA A 373 -41.05 -1.88 -8.04
C ALA A 373 -42.46 -1.30 -7.92
N ASP A 374 -43.10 -1.17 -9.08
CA ASP A 374 -44.49 -0.74 -9.20
C ASP A 374 -45.35 -1.99 -9.36
N PHE A 375 -46.12 -2.30 -8.33
CA PHE A 375 -46.94 -3.52 -8.30
C PHE A 375 -48.34 -3.28 -8.88
N GLY A 376 -48.54 -2.08 -9.42
CA GLY A 376 -49.79 -1.70 -10.07
C GLY A 376 -50.42 -0.46 -9.48
N TRP A 377 -49.84 0.04 -8.40
CA TRP A 377 -50.37 1.19 -7.68
C TRP A 377 -49.39 2.33 -7.57
N GLY A 378 -48.32 2.27 -8.36
CA GLY A 378 -47.37 3.35 -8.43
C GLY A 378 -46.01 2.93 -7.90
N ARG A 379 -45.01 3.72 -8.25
CA ARG A 379 -43.66 3.52 -7.76
C ARG A 379 -43.59 3.91 -6.29
N PRO A 380 -42.68 3.31 -5.54
CA PRO A 380 -42.53 3.73 -4.15
C PRO A 380 -42.04 5.18 -4.04
N ILE A 381 -42.39 5.84 -2.96
CA ILE A 381 -41.89 7.16 -2.66
C ILE A 381 -40.57 7.07 -1.93
N PHE A 382 -40.25 5.89 -1.42
CA PHE A 382 -38.96 5.67 -0.81
C PHE A 382 -38.61 4.20 -0.90
N MET A 383 -37.34 3.93 -1.14
CA MET A 383 -36.78 2.60 -1.07
C MET A 383 -35.45 2.75 -0.36
N GLY A 384 -35.19 1.95 0.66
CA GLY A 384 -33.91 2.00 1.32
C GLY A 384 -33.56 0.73 2.04
N PRO A 385 -32.34 0.67 2.55
CA PRO A 385 -31.97 -0.41 3.46
C PRO A 385 -32.86 -0.38 4.71
N GLY A 386 -33.28 -1.55 5.20
CA GLY A 386 -34.15 -1.66 6.35
C GLY A 386 -33.44 -1.58 7.68
N GLY A 387 -32.71 -0.49 7.90
CA GLY A 387 -31.98 -0.27 9.13
C GLY A 387 -30.49 -0.53 8.92
N ILE A 388 -29.70 0.54 8.85
CA ILE A 388 -28.24 0.43 8.82
C ILE A 388 -27.77 -0.16 10.14
N ALA A 389 -27.01 -1.24 10.07
CA ALA A 389 -26.74 -2.02 11.27
C ALA A 389 -25.84 -1.28 12.25
N TYR A 390 -24.68 -0.83 11.80
CA TYR A 390 -23.75 -0.18 12.72
C TYR A 390 -23.05 1.05 12.17
N GLU A 391 -22.45 1.76 13.10
CA GLU A 391 -21.63 2.93 12.83
C GLU A 391 -20.67 2.71 11.65
N GLY A 392 -20.60 3.70 10.79
CA GLY A 392 -19.57 3.75 9.77
C GLY A 392 -19.99 3.13 8.46
N LEU A 393 -21.28 2.94 8.30
CA LEU A 393 -21.84 2.50 7.02
C LEU A 393 -22.71 3.59 6.43
N SER A 394 -22.61 3.74 5.12
CA SER A 394 -23.39 4.74 4.42
C SER A 394 -23.94 4.18 3.12
N PHE A 395 -25.08 4.73 2.71
CA PHE A 395 -25.79 4.31 1.51
C PHE A 395 -26.08 5.56 0.71
N VAL A 396 -25.85 5.51 -0.60
CA VAL A 396 -26.22 6.64 -1.44
C VAL A 396 -27.43 6.22 -2.28
N LEU A 397 -28.52 6.95 -2.11
CA LEU A 397 -29.82 6.58 -2.65
C LEU A 397 -30.26 7.57 -3.73
N PRO A 398 -30.56 7.09 -4.94
CA PRO A 398 -31.08 8.03 -5.94
C PRO A 398 -32.48 8.50 -5.60
N SER A 399 -32.86 9.68 -6.09
CA SER A 399 -34.18 10.21 -5.86
C SER A 399 -35.23 9.38 -6.58
N PRO A 400 -36.39 9.20 -5.95
CA PRO A 400 -37.53 8.56 -6.63
C PRO A 400 -38.03 9.41 -7.80
N THR A 401 -37.85 10.73 -7.70
CA THR A 401 -38.23 11.66 -8.76
C THR A 401 -37.15 11.75 -9.84
N ASN A 402 -37.34 12.61 -10.81
CA ASN A 402 -36.30 12.80 -11.82
C ASN A 402 -35.54 14.11 -11.59
N ASP A 403 -35.57 14.65 -10.37
CA ASP A 403 -34.96 15.95 -10.11
C ASP A 403 -33.42 15.87 -9.99
N GLY A 404 -32.88 14.67 -10.11
CA GLY A 404 -31.44 14.47 -10.10
C GLY A 404 -30.75 14.59 -8.75
N SER A 405 -31.53 14.72 -7.69
CA SER A 405 -31.00 14.76 -6.35
C SER A 405 -30.66 13.34 -5.87
N LEU A 406 -29.84 13.24 -4.84
CA LEU A 406 -29.68 11.97 -4.14
C LEU A 406 -29.55 12.19 -2.65
N SER A 407 -29.59 11.09 -1.90
CA SER A 407 -29.54 11.16 -0.45
C SER A 407 -28.39 10.32 0.06
N VAL A 408 -27.70 10.84 1.07
CA VAL A 408 -26.70 10.08 1.77
C VAL A 408 -27.27 9.71 3.10
N ALA A 409 -27.47 8.41 3.27
CA ALA A 409 -27.87 7.85 4.56
C ALA A 409 -26.62 7.32 5.22
N ILE A 410 -26.45 7.61 6.48
CA ILE A 410 -25.23 7.25 7.17
C ILE A 410 -25.45 7.04 8.64
N SER A 411 -24.65 6.14 9.19
CA SER A 411 -24.65 5.84 10.60
C SER A 411 -23.36 6.35 11.23
N LEU A 412 -23.50 7.24 12.20
CA LEU A 412 -22.35 7.81 12.90
C LEU A 412 -22.69 7.96 14.36
N GLN A 413 -21.66 8.12 15.19
CA GLN A 413 -21.83 8.54 16.58
C GLN A 413 -22.51 9.89 16.60
N ALA A 414 -23.39 10.06 17.57
CA ALA A 414 -24.27 11.22 17.59
C ALA A 414 -23.50 12.54 17.62
N GLU A 415 -22.41 12.56 18.36
CA GLU A 415 -21.60 13.79 18.47
C GLU A 415 -20.91 14.12 17.15
N HIS A 416 -20.76 13.11 16.29
CA HIS A 416 -20.11 13.29 15.01
C HIS A 416 -21.09 13.72 13.93
N MET A 417 -22.38 13.45 14.14
CA MET A 417 -23.33 13.54 13.04
C MET A 417 -23.64 14.98 12.65
N LYS A 418 -23.60 15.85 13.63
CA LYS A 418 -23.94 17.22 13.37
C LYS A 418 -22.86 17.93 12.58
N LEU A 419 -21.61 17.63 12.91
CA LEU A 419 -20.49 18.18 12.16
C LEU A 419 -20.51 17.58 10.75
N PHE A 420 -20.85 16.30 10.67
CA PHE A 420 -20.90 15.63 9.39
C PHE A 420 -21.86 16.39 8.46
N GLU A 421 -23.05 16.72 8.95
CA GLU A 421 -24.04 17.38 8.12
C GLU A 421 -23.53 18.73 7.64
N LYS A 422 -22.90 19.47 8.53
CA LYS A 422 -22.36 20.76 8.16
C LYS A 422 -21.33 20.62 7.05
N LEU A 423 -20.40 19.70 7.21
CA LEU A 423 -19.33 19.47 6.21
C LEU A 423 -19.84 18.95 4.89
N LEU A 424 -20.85 18.10 4.94
CA LEU A 424 -21.40 17.54 3.72
C LEU A 424 -21.92 18.63 2.80
N TYR A 425 -22.42 19.70 3.40
CA TYR A 425 -23.03 20.76 2.59
C TYR A 425 -22.06 21.90 2.31
N GLN A 426 -20.80 21.78 2.73
CA GLN A 426 -19.80 22.75 2.31
C GLN A 426 -19.27 22.35 0.94
N ILE A 427 -20.09 22.67 -0.07
CA ILE A 427 -19.78 22.41 -1.47
C ILE A 427 -19.70 23.76 -2.19
N MET B 1 6.96 -8.61 -12.28
CA MET B 1 6.35 -8.33 -10.93
C MET B 1 5.59 -7.02 -11.04
N LYS B 2 4.41 -7.01 -10.45
CA LYS B 2 3.58 -5.82 -10.36
C LYS B 2 3.64 -5.24 -8.97
N ILE B 3 3.84 -3.92 -8.91
CA ILE B 3 3.86 -3.18 -7.66
C ILE B 3 2.70 -2.20 -7.67
N HIS B 4 1.98 -2.12 -6.58
CA HIS B 4 0.85 -1.21 -6.51
C HIS B 4 1.00 -0.31 -5.28
N VAL B 5 0.94 1.00 -5.49
CA VAL B 5 0.98 1.91 -4.36
C VAL B 5 -0.40 1.98 -3.68
N ARG B 6 -0.43 1.79 -2.36
CA ARG B 6 -1.69 1.90 -1.58
C ARG B 6 -1.92 3.28 -1.00
N ASP B 7 -0.85 3.87 -0.49
CA ASP B 7 -0.93 5.21 0.08
C ASP B 7 0.47 5.81 0.02
N SER B 8 0.54 7.13 0.01
CA SER B 8 1.80 7.81 0.21
C SER B 8 1.47 9.11 0.91
N THR B 9 2.37 9.55 1.78
CA THR B 9 2.11 10.68 2.61
C THR B 9 3.42 11.32 2.99
N LEU B 10 3.37 12.60 3.31
CA LEU B 10 4.52 13.31 3.80
C LEU B 10 4.50 13.24 5.31
N VAL B 11 5.58 12.70 5.89
CA VAL B 11 5.70 12.61 7.34
C VAL B 11 6.60 13.72 7.82
N ARG B 12 6.10 14.54 8.72
CA ARG B 12 6.86 15.66 9.27
C ARG B 12 7.32 15.32 10.69
N PRO B 13 8.29 16.09 11.22
CA PRO B 13 8.66 15.95 12.62
C PRO B 13 7.42 16.04 13.52
N SER B 14 7.37 15.20 14.55
CA SER B 14 6.26 15.12 15.51
C SER B 14 6.21 16.26 16.51
N ALA B 15 7.22 17.12 16.48
CA ALA B 15 7.27 18.27 17.39
C ALA B 15 8.01 19.40 16.68
N ALA B 16 8.05 20.59 17.29
CA ALA B 16 8.70 21.72 16.63
C ALA B 16 10.18 21.45 16.40
N THR B 17 10.68 22.00 15.32
CA THR B 17 12.11 21.90 14.98
C THR B 17 12.60 23.23 14.45
N PRO B 18 13.93 23.44 14.49
CA PRO B 18 14.52 24.71 14.04
C PRO B 18 14.24 25.02 12.58
N ALA B 19 13.81 26.26 12.35
CA ALA B 19 13.61 26.76 11.01
C ALA B 19 14.87 27.50 10.59
N VAL B 20 15.76 26.78 9.92
CA VAL B 20 17.07 27.31 9.57
C VAL B 20 17.51 26.86 8.20
N SER B 21 18.56 27.50 7.70
CA SER B 21 19.30 27.01 6.55
C SER B 21 20.55 26.33 7.05
N LEU B 22 20.82 25.14 6.54
CA LEU B 22 21.97 24.38 6.97
C LEU B 22 23.01 24.44 5.87
N TRP B 23 24.20 24.89 6.23
CA TRP B 23 25.28 24.98 5.31
C TRP B 23 25.82 23.61 4.94
N ASN B 24 26.17 23.45 3.67
CA ASN B 24 26.83 22.26 3.13
C ASN B 24 28.33 22.50 2.97
N SER B 25 29.15 21.56 3.45
CA SER B 25 30.59 21.67 3.27
C SER B 25 30.94 21.21 1.86
N ASN B 26 32.19 21.42 1.44
CA ASN B 26 32.62 20.91 0.17
C ASN B 26 32.41 19.41 0.03
N VAL B 27 32.50 18.68 1.14
CA VAL B 27 32.31 17.25 1.09
C VAL B 27 30.80 16.91 0.97
N ASP B 28 29.94 17.80 1.43
CA ASP B 28 28.50 17.61 1.26
C ASP B 28 28.08 17.99 -0.17
N LEU B 29 28.97 18.64 -0.93
CA LEU B 29 28.63 19.08 -2.27
C LEU B 29 29.18 18.20 -3.40
N VAL B 30 30.28 17.49 -3.15
CA VAL B 30 30.84 16.59 -4.16
C VAL B 30 30.19 15.23 -4.03
N VAL B 31 28.90 15.22 -4.30
CA VAL B 31 28.11 14.00 -4.27
C VAL B 31 27.05 14.10 -5.36
N PRO B 32 26.53 12.94 -5.79
CA PRO B 32 25.52 12.85 -6.85
C PRO B 32 24.30 13.69 -6.59
N ASN B 33 23.62 14.08 -7.64
CA ASN B 33 22.32 14.72 -7.52
C ASN B 33 21.21 13.67 -7.45
N PHE B 34 21.50 12.50 -6.89
CA PHE B 34 20.52 11.42 -6.75
C PHE B 34 20.21 11.06 -5.30
N HIS B 35 19.14 10.29 -5.14
CA HIS B 35 18.85 9.70 -3.85
C HIS B 35 19.59 8.37 -3.74
N THR B 36 20.47 8.31 -2.77
CA THR B 36 21.26 7.11 -2.55
C THR B 36 20.35 5.95 -2.15
N PRO B 37 20.29 4.86 -2.95
CA PRO B 37 19.34 3.77 -2.69
C PRO B 37 19.87 2.66 -1.80
N SER B 38 19.06 2.24 -0.84
CA SER B 38 19.33 1.04 -0.07
C SER B 38 18.03 0.30 0.21
N VAL B 39 18.15 -1.00 0.45
CA VAL B 39 16.99 -1.86 0.64
C VAL B 39 17.21 -2.85 1.76
N TYR B 40 16.14 -3.07 2.53
CA TYR B 40 16.09 -3.99 3.64
C TYR B 40 15.00 -5.01 3.35
N PHE B 41 15.27 -6.28 3.60
CA PHE B 41 14.26 -7.33 3.49
C PHE B 41 13.99 -7.98 4.82
N TYR B 42 12.72 -8.29 5.04
CA TYR B 42 12.26 -8.83 6.32
C TYR B 42 11.33 -9.99 6.10
N ARG B 43 11.54 -11.05 6.86
CA ARG B 43 10.66 -12.22 6.84
C ARG B 43 9.62 -12.12 7.95
N PRO B 44 8.40 -12.61 7.68
CA PRO B 44 7.31 -12.64 8.68
C PRO B 44 7.76 -13.25 9.99
N SER B 45 7.38 -12.63 11.10
CA SER B 45 7.76 -13.09 12.43
C SER B 45 6.62 -13.84 13.10
N GLY B 46 5.42 -13.78 12.50
CA GLY B 46 4.26 -14.40 13.09
C GLY B 46 3.39 -13.40 13.81
N ALA B 47 3.92 -12.20 14.04
CA ALA B 47 3.18 -11.17 14.74
C ALA B 47 2.04 -10.72 13.87
N ASP B 48 0.98 -10.23 14.50
CA ASP B 48 -0.24 -9.86 13.77
C ASP B 48 -0.22 -8.40 13.33
N ASN B 49 0.77 -7.67 13.80
CA ASN B 49 0.95 -6.28 13.41
C ASN B 49 2.29 -6.07 12.66
N PHE B 50 2.73 -7.08 11.91
CA PHE B 50 3.98 -7.02 11.10
C PHE B 50 4.05 -5.78 10.23
N PHE B 51 5.03 -4.92 10.51
CA PHE B 51 5.25 -3.68 9.80
C PHE B 51 4.03 -2.81 9.66
N ASP B 52 3.31 -2.75 10.77
CA ASP B 52 2.24 -1.78 10.98
C ASP B 52 2.76 -0.38 10.64
N THR B 53 2.23 0.16 9.57
CA THR B 53 2.68 1.46 9.06
C THR B 53 2.43 2.60 10.02
N ALA B 54 1.38 2.49 10.86
CA ALA B 54 1.15 3.50 11.89
C ALA B 54 2.32 3.56 12.86
N VAL B 55 2.80 2.38 13.24
CA VAL B 55 3.93 2.27 14.16
C VAL B 55 5.15 2.86 13.52
N MET B 56 5.34 2.51 12.24
CA MET B 56 6.47 2.96 11.45
C MET B 56 6.49 4.48 11.33
N LYS B 57 5.35 5.05 10.94
CA LYS B 57 5.27 6.49 10.68
C LYS B 57 5.33 7.33 11.96
N ALA B 58 4.80 6.80 13.07
CA ALA B 58 4.88 7.51 14.33
C ALA B 58 6.32 7.59 14.78
N ALA B 59 7.01 6.46 14.68
CA ALA B 59 8.42 6.41 15.05
C ALA B 59 9.26 7.30 14.13
N LEU B 60 8.85 7.36 12.87
CA LEU B 60 9.54 8.18 11.89
C LEU B 60 9.35 9.65 12.24
N GLY B 61 8.14 10.01 12.66
CA GLY B 61 7.88 11.38 13.02
C GLY B 61 8.75 11.80 14.20
N ARG B 62 8.95 10.87 15.12
CA ARG B 62 9.75 11.15 16.30
C ARG B 62 11.21 11.30 15.90
N ALA B 63 11.67 10.41 15.04
CA ALA B 63 13.09 10.39 14.62
C ALA B 63 13.45 11.69 13.93
N LEU B 64 12.50 12.21 13.16
CA LEU B 64 12.74 13.42 12.41
C LEU B 64 12.80 14.68 13.25
N VAL B 65 12.48 14.58 14.54
CA VAL B 65 12.67 15.70 15.44
C VAL B 65 14.13 15.95 15.65
N SER B 66 14.87 14.90 15.96
CA SER B 66 16.29 15.05 16.19
C SER B 66 17.02 15.17 14.84
N PHE B 67 16.57 14.43 13.82
CA PHE B 67 17.17 14.53 12.50
C PHE B 67 16.42 15.47 11.57
N TYR B 68 16.06 16.66 12.05
CA TYR B 68 15.12 17.49 11.30
C TYR B 68 15.59 17.92 9.91
N PRO B 69 16.91 18.09 9.66
CA PRO B 69 17.23 18.44 8.28
C PRO B 69 16.77 17.39 7.27
N MET B 70 16.60 16.16 7.70
CA MET B 70 16.13 15.11 6.83
C MET B 70 14.76 15.50 6.24
N ALA B 71 14.02 16.34 6.96
CA ALA B 71 12.66 16.68 6.58
C ALA B 71 12.58 17.95 5.74
N GLY B 72 13.71 18.58 5.44
CA GLY B 72 13.68 19.81 4.66
C GLY B 72 13.81 19.57 3.17
N ARG B 73 14.30 20.60 2.48
CA ARG B 73 14.41 20.65 1.04
C ARG B 73 15.72 21.32 0.66
N LEU B 74 16.20 21.07 -0.55
CA LEU B 74 17.37 21.79 -1.06
C LEU B 74 16.95 23.20 -1.51
N LYS B 75 17.86 24.17 -1.38
CA LYS B 75 17.69 25.48 -2.01
C LYS B 75 19.10 25.98 -2.28
N ARG B 76 19.25 27.05 -3.04
CA ARG B 76 20.57 27.66 -3.23
C ARG B 76 20.64 28.98 -2.48
N ASP B 77 21.79 29.28 -1.86
CA ASP B 77 21.92 30.52 -1.12
C ASP B 77 22.12 31.67 -2.13
N GLU B 78 22.27 32.89 -1.63
CA GLU B 78 22.46 34.07 -2.47
C GLU B 78 23.62 33.92 -3.46
N ASP B 79 24.65 33.18 -3.06
CA ASP B 79 25.81 32.96 -3.92
C ASP B 79 25.63 31.75 -4.86
N GLY B 80 24.47 31.08 -4.79
CA GLY B 80 24.20 29.94 -5.64
C GLY B 80 24.63 28.58 -5.08
N ARG B 81 25.01 28.55 -3.80
CA ARG B 81 25.50 27.31 -3.18
C ARG B 81 24.32 26.50 -2.63
N VAL B 82 24.25 25.22 -2.99
CA VAL B 82 23.21 24.35 -2.46
C VAL B 82 23.34 24.28 -0.94
N GLU B 83 22.21 24.45 -0.28
CA GLU B 83 22.12 24.33 1.17
C GLU B 83 20.84 23.59 1.48
N ILE B 84 20.66 23.22 2.73
CA ILE B 84 19.43 22.52 3.14
C ILE B 84 18.55 23.51 3.89
N ASP B 85 17.40 23.75 3.28
CA ASP B 85 16.33 24.54 3.87
C ASP B 85 15.59 23.68 4.87
N CYS B 86 15.85 23.89 6.14
CA CYS B 86 15.20 23.08 7.16
C CYS B 86 13.81 23.61 7.43
N ASN B 87 12.88 23.20 6.57
CA ASN B 87 11.53 23.75 6.58
C ASN B 87 10.49 22.74 7.06
N ALA B 88 10.96 21.55 7.41
CA ALA B 88 10.09 20.50 7.94
C ALA B 88 8.91 20.22 7.04
N GLU B 89 9.09 20.32 5.73
CA GLU B 89 7.98 20.01 4.83
C GLU B 89 7.70 18.52 4.83
N GLY B 90 8.72 17.74 5.15
CA GLY B 90 8.51 16.34 5.42
C GLY B 90 9.09 15.35 4.45
N VAL B 91 9.14 14.13 4.95
CA VAL B 91 9.69 12.96 4.30
C VAL B 91 8.57 12.19 3.58
N LEU B 92 8.87 11.56 2.45
CA LEU B 92 7.88 10.80 1.71
C LEU B 92 7.85 9.36 2.22
N PHE B 93 6.67 8.91 2.65
CA PHE B 93 6.49 7.55 3.11
C PHE B 93 5.43 6.86 2.24
N VAL B 94 5.82 5.80 1.54
CA VAL B 94 4.94 5.10 0.61
C VAL B 94 4.66 3.70 1.11
N GLU B 95 3.40 3.29 1.07
CA GLU B 95 3.01 1.94 1.37
C GLU B 95 2.62 1.30 0.07
N ALA B 96 3.31 0.20 -0.23
CA ALA B 96 3.16 -0.50 -1.49
C ALA B 96 2.87 -1.97 -1.28
N GLU B 97 2.25 -2.59 -2.28
CA GLU B 97 2.07 -4.03 -2.26
C GLU B 97 2.56 -4.60 -3.59
N SER B 98 3.10 -5.80 -3.51
CA SER B 98 3.67 -6.50 -4.64
C SER B 98 3.01 -7.84 -4.86
N ASP B 99 2.85 -8.23 -6.12
CA ASP B 99 2.34 -9.56 -6.45
C ASP B 99 3.44 -10.62 -6.49
N GLY B 100 4.64 -10.27 -6.07
CA GLY B 100 5.72 -11.23 -5.97
C GLY B 100 6.08 -11.53 -4.54
N THR B 101 7.21 -12.22 -4.39
CA THR B 101 7.66 -12.74 -3.11
C THR B 101 9.08 -12.27 -2.83
N VAL B 102 9.44 -12.27 -1.56
CA VAL B 102 10.81 -12.05 -1.17
C VAL B 102 11.73 -13.07 -1.84
N ASP B 103 11.28 -14.31 -1.92
CA ASP B 103 12.01 -15.39 -2.58
C ASP B 103 12.35 -15.05 -4.03
N ASP B 104 11.57 -14.18 -4.68
CA ASP B 104 11.82 -13.86 -6.08
C ASP B 104 13.13 -13.11 -6.26
N TYR B 105 13.65 -12.53 -5.19
CA TYR B 105 14.90 -11.79 -5.31
C TYR B 105 16.08 -12.72 -5.13
N GLY B 106 15.83 -14.01 -4.86
CA GLY B 106 16.90 -14.98 -4.71
C GLY B 106 17.98 -14.59 -3.73
N ASP B 107 19.21 -14.42 -4.21
CA ASP B 107 20.34 -14.10 -3.34
C ASP B 107 20.48 -12.61 -3.06
N PHE B 108 19.49 -11.82 -3.49
CA PHE B 108 19.48 -10.38 -3.26
C PHE B 108 20.64 -9.65 -3.97
N ALA B 109 21.07 -10.18 -5.11
CA ALA B 109 22.06 -9.49 -5.91
C ALA B 109 21.49 -8.12 -6.21
N PRO B 110 22.25 -7.06 -5.98
CA PRO B 110 21.60 -5.76 -6.06
C PRO B 110 21.49 -5.26 -7.49
N SER B 111 20.59 -5.88 -8.22
CA SER B 111 20.29 -5.45 -9.57
C SER B 111 19.41 -4.20 -9.53
N LEU B 112 19.18 -3.64 -10.69
CA LEU B 112 18.34 -2.46 -10.78
C LEU B 112 16.87 -2.79 -10.51
N GLU B 113 16.55 -4.07 -10.38
CA GLU B 113 15.17 -4.45 -10.00
C GLU B 113 14.83 -3.91 -8.61
N LEU B 114 15.85 -3.71 -7.77
CA LEU B 114 15.62 -3.20 -6.44
C LEU B 114 15.14 -1.74 -6.42
N ARG B 115 15.36 -1.01 -7.50
CA ARG B 115 14.99 0.40 -7.56
C ARG B 115 13.47 0.53 -7.46
N ARG B 116 12.75 -0.54 -7.76
CA ARG B 116 11.27 -0.48 -7.75
C ARG B 116 10.73 -0.54 -6.32
N LEU B 117 11.62 -0.86 -5.38
CA LEU B 117 11.29 -0.94 -3.97
C LEU B 117 11.53 0.37 -3.24
N ILE B 118 11.89 1.38 -4.00
CA ILE B 118 12.17 2.71 -3.50
C ILE B 118 11.40 3.71 -4.34
N PRO B 119 10.88 4.78 -3.73
CA PRO B 119 10.06 5.72 -4.54
C PRO B 119 10.88 6.44 -5.57
N ALA B 120 10.31 6.57 -6.76
CA ALA B 120 10.94 7.35 -7.83
C ALA B 120 10.94 8.82 -7.44
N VAL B 121 11.94 9.52 -7.93
CA VAL B 121 12.04 10.96 -7.75
C VAL B 121 12.23 11.60 -9.10
N ASP B 122 11.48 12.66 -9.35
CA ASP B 122 11.61 13.42 -10.58
C ASP B 122 12.55 14.60 -10.38
N TYR B 123 13.71 14.52 -11.02
CA TYR B 123 14.74 15.54 -10.85
C TYR B 123 14.61 16.70 -11.85
N SER B 124 13.68 16.58 -12.78
CA SER B 124 13.56 17.54 -13.87
C SER B 124 12.97 18.87 -13.42
N GLN B 125 12.33 18.90 -12.25
CA GLN B 125 11.58 20.07 -11.81
C GLN B 125 12.31 20.96 -10.82
N GLY B 126 13.64 20.97 -10.88
CA GLY B 126 14.40 21.82 -10.00
C GLY B 126 14.62 21.15 -8.65
N ILE B 127 15.56 21.67 -7.89
CA ILE B 127 16.10 20.94 -6.75
C ILE B 127 15.25 21.01 -5.46
N SER B 128 14.32 21.96 -5.38
CA SER B 128 13.49 22.09 -4.18
C SER B 128 12.19 21.29 -4.25
N ALA B 129 11.97 20.64 -5.40
CA ALA B 129 10.72 19.95 -5.68
C ALA B 129 10.52 18.68 -4.85
N TYR B 130 11.61 18.07 -4.41
CA TYR B 130 11.51 16.73 -3.85
C TYR B 130 12.03 16.62 -2.44
N PRO B 131 11.52 15.63 -1.69
CA PRO B 131 12.02 15.48 -0.34
C PRO B 131 13.45 14.94 -0.33
N LEU B 132 14.13 15.08 0.79
CA LEU B 132 15.50 14.61 0.88
C LEU B 132 15.55 13.14 1.21
N LEU B 133 14.43 12.59 1.73
CA LEU B 133 14.35 11.20 2.08
C LEU B 133 13.03 10.63 1.55
N VAL B 134 13.10 9.55 0.80
CA VAL B 134 11.92 8.87 0.28
C VAL B 134 12.00 7.46 0.81
N LEU B 135 10.86 6.94 1.25
CA LEU B 135 10.80 5.67 1.94
C LEU B 135 9.61 4.86 1.45
N GLN B 136 9.80 3.55 1.33
CA GLN B 136 8.76 2.64 0.88
C GLN B 136 8.81 1.31 1.61
N VAL B 137 7.65 0.96 2.17
CA VAL B 137 7.42 -0.32 2.78
C VAL B 137 6.56 -1.09 1.83
N THR B 138 7.13 -2.14 1.27
CA THR B 138 6.48 -2.96 0.25
C THR B 138 6.07 -4.28 0.90
N PHE B 139 4.79 -4.57 0.85
CA PHE B 139 4.26 -5.82 1.38
C PHE B 139 4.15 -6.86 0.27
N PHE B 140 4.90 -7.93 0.41
CA PHE B 140 4.92 -8.98 -0.58
C PHE B 140 3.85 -10.02 -0.30
N LYS B 141 3.50 -10.76 -1.34
CA LYS B 141 2.44 -11.76 -1.28
C LYS B 141 2.75 -12.84 -0.25
N CYS B 142 4.04 -13.04 0.02
CA CYS B 142 4.45 -14.09 0.94
C CYS B 142 4.29 -13.67 2.38
N GLY B 143 3.97 -12.41 2.63
CA GLY B 143 3.96 -11.87 3.99
C GLY B 143 5.24 -11.15 4.37
N GLY B 144 6.28 -11.30 3.56
CA GLY B 144 7.52 -10.57 3.78
C GLY B 144 7.39 -9.11 3.37
N VAL B 145 8.37 -8.31 3.81
CA VAL B 145 8.35 -6.87 3.61
C VAL B 145 9.72 -6.39 3.21
N SER B 146 9.75 -5.33 2.42
CA SER B 146 11.02 -4.62 2.17
C SER B 146 10.82 -3.17 2.56
N LEU B 147 11.87 -2.59 3.16
CA LEU B 147 12.00 -1.16 3.33
C LEU B 147 13.01 -0.65 2.32
N GLY B 148 12.57 0.26 1.47
CA GLY B 148 13.37 0.90 0.46
C GLY B 148 13.61 2.33 0.91
N VAL B 149 14.87 2.74 0.85
CA VAL B 149 15.31 4.04 1.33
C VAL B 149 16.04 4.80 0.21
N GLY B 150 15.59 6.01 -0.12
CA GLY B 150 16.29 6.93 -0.99
C GLY B 150 16.69 8.17 -0.21
N MET B 151 18.01 8.40 -0.08
CA MET B 151 18.50 9.51 0.72
C MET B 151 19.37 10.46 -0.11
N GLN B 152 18.94 11.70 -0.23
CA GLN B 152 19.63 12.72 -1.04
C GLN B 152 20.95 12.98 -0.41
N HIS B 153 22.00 12.80 -1.18
CA HIS B 153 23.34 12.70 -0.66
C HIS B 153 23.83 14.00 -0.03
N HIS B 154 23.28 15.15 -0.46
CA HIS B 154 23.63 16.42 0.19
C HIS B 154 23.25 16.43 1.66
N ALA B 155 22.23 15.65 2.05
CA ALA B 155 21.85 15.64 3.45
C ALA B 155 22.85 14.88 4.31
N ALA B 156 23.33 13.75 3.81
CA ALA B 156 24.09 12.85 4.66
C ALA B 156 24.76 11.76 3.86
N ASP B 157 25.88 11.24 4.38
CA ASP B 157 26.53 10.09 3.77
C ASP B 157 25.90 8.85 4.36
N GLY B 158 26.41 7.69 3.98
CA GLY B 158 25.85 6.42 4.42
C GLY B 158 25.90 6.23 5.92
N PHE B 159 26.94 6.75 6.54
CA PHE B 159 27.10 6.61 7.98
C PHE B 159 26.01 7.31 8.76
N SER B 160 25.79 8.58 8.44
CA SER B 160 24.71 9.34 9.04
C SER B 160 23.36 8.77 8.62
N GLY B 161 23.26 8.25 7.40
CA GLY B 161 22.07 7.56 6.95
C GLY B 161 21.67 6.40 7.84
N LEU B 162 22.64 5.54 8.12
CA LEU B 162 22.46 4.39 9.00
C LEU B 162 22.11 4.84 10.41
N HIS B 163 22.76 5.91 10.87
CA HIS B 163 22.43 6.52 12.17
C HIS B 163 20.92 6.83 12.21
N PHE B 164 20.43 7.44 11.14
CA PHE B 164 19.02 7.79 11.09
C PHE B 164 18.12 6.54 11.10
N ILE B 165 18.39 5.59 10.23
CA ILE B 165 17.52 4.44 10.09
C ILE B 165 17.53 3.61 11.36
N ASN B 166 18.70 3.38 11.93
CA ASN B 166 18.73 2.60 13.18
C ASN B 166 18.05 3.32 14.33
N THR B 167 18.13 4.66 14.32
CA THR B 167 17.47 5.44 15.35
C THR B 167 15.95 5.26 15.18
N TRP B 168 15.46 5.43 13.95
CA TRP B 168 14.03 5.24 13.65
C TRP B 168 13.56 3.85 14.17
N SER B 169 14.32 2.81 13.86
CA SER B 169 13.93 1.48 14.25
C SER B 169 13.92 1.34 15.77
N ASP B 170 14.90 1.93 16.44
CA ASP B 170 14.89 1.95 17.91
C ASP B 170 13.62 2.55 18.48
N MET B 171 13.23 3.70 17.94
CA MET B 171 12.05 4.40 18.42
C MET B 171 10.79 3.60 18.10
N ALA B 172 10.79 2.87 16.99
CA ALA B 172 9.64 2.02 16.72
C ALA B 172 9.52 0.90 17.77
N ARG B 173 10.62 0.54 18.41
CA ARG B 173 10.62 -0.48 19.46
C ARG B 173 10.39 0.18 20.83
N GLY B 174 10.08 1.48 20.82
CA GLY B 174 9.77 2.21 22.04
C GLY B 174 10.98 2.76 22.77
N LEU B 175 12.15 2.73 22.14
CA LEU B 175 13.36 3.26 22.78
C LEU B 175 13.45 4.78 22.58
N ASP B 176 14.29 5.40 23.38
CA ASP B 176 14.66 6.79 23.20
C ASP B 176 16.00 6.82 22.42
N ILE B 177 16.38 7.99 21.94
CA ILE B 177 17.56 8.11 21.09
C ILE B 177 18.82 7.78 21.89
N THR B 178 19.70 7.02 21.27
CA THR B 178 20.90 6.57 21.96
C THR B 178 22.01 7.57 21.76
N LEU B 179 22.15 8.02 20.52
CA LEU B 179 23.18 8.96 20.12
C LEU B 179 22.55 10.14 19.39
N PRO B 180 22.39 11.28 20.08
CA PRO B 180 21.79 12.44 19.40
C PRO B 180 22.65 12.93 18.24
N PRO B 181 22.04 13.30 17.10
CA PRO B 181 22.87 13.81 16.02
C PRO B 181 23.47 15.16 16.36
N PHE B 182 24.66 15.43 15.84
CA PHE B 182 25.27 16.74 15.93
C PHE B 182 25.14 17.39 14.57
N ILE B 183 24.56 18.58 14.52
CA ILE B 183 24.22 19.18 13.24
C ILE B 183 24.92 20.52 13.03
N ASP B 184 26.04 20.50 12.30
CA ASP B 184 26.83 21.70 12.01
C ASP B 184 28.03 21.35 11.14
N ARG B 185 27.88 21.53 9.84
CA ARG B 185 28.88 21.10 8.89
C ARG B 185 29.98 22.15 8.72
N THR B 186 29.88 23.26 9.44
CA THR B 186 30.90 24.28 9.31
C THR B 186 32.22 23.76 9.86
N LEU B 187 32.20 22.68 10.65
CA LEU B 187 33.46 22.05 11.09
C LEU B 187 34.30 21.52 9.95
N LEU B 188 33.70 21.39 8.78
CA LEU B 188 34.43 20.97 7.58
C LEU B 188 34.70 22.11 6.58
N SER B 189 34.62 23.35 7.06
CA SER B 189 35.03 24.51 6.27
C SER B 189 36.49 24.39 5.89
N ALA B 190 36.80 24.86 4.69
CA ALA B 190 38.19 24.83 4.26
C ALA B 190 38.93 25.92 5.00
N ARG B 191 40.25 25.88 4.90
CA ARG B 191 41.04 26.93 5.49
C ARG B 191 40.94 28.19 4.62
N ASP B 192 41.25 29.33 5.22
CA ASP B 192 41.28 30.61 4.52
C ASP B 192 42.62 31.34 4.79
N PRO B 193 43.47 31.48 3.76
CA PRO B 193 43.27 31.00 2.40
C PRO B 193 43.45 29.49 2.30
N PRO B 194 42.79 28.85 1.33
CA PRO B 194 43.05 27.43 1.09
C PRO B 194 44.51 27.14 0.74
N GLN B 195 45.05 26.09 1.35
CA GLN B 195 46.42 25.63 1.13
C GLN B 195 46.42 24.14 0.83
N PRO B 196 46.04 23.76 -0.40
CA PRO B 196 46.17 22.36 -0.78
C PRO B 196 47.64 21.97 -0.78
N GLN B 197 47.95 20.77 -0.28
CA GLN B 197 49.32 20.28 -0.25
C GLN B 197 49.66 19.49 -1.52
N PHE B 198 48.66 18.82 -2.08
CA PHE B 198 48.86 18.04 -3.29
C PHE B 198 47.90 18.41 -4.39
N LYS B 199 48.26 17.95 -5.58
CA LYS B 199 47.35 17.83 -6.73
C LYS B 199 46.65 16.50 -6.51
N HIS B 200 45.59 16.54 -5.72
CA HIS B 200 44.98 15.34 -5.14
C HIS B 200 44.67 14.25 -6.15
N VAL B 201 45.44 13.17 -6.04
CA VAL B 201 45.32 12.07 -6.98
C VAL B 201 43.87 11.56 -7.13
N GLU B 202 43.10 11.57 -6.03
CA GLU B 202 41.68 11.16 -6.04
C GLU B 202 40.78 11.85 -7.06
N TYR B 203 41.12 13.07 -7.43
CA TYR B 203 40.29 13.87 -8.32
C TYR B 203 40.89 14.01 -9.71
N GLN B 204 41.97 13.27 -9.97
CA GLN B 204 42.62 13.27 -11.27
C GLN B 204 41.95 12.25 -12.21
N PRO B 205 42.11 12.44 -13.53
CA PRO B 205 41.69 11.50 -14.57
C PRO B 205 42.27 10.10 -14.39
N PRO B 206 41.40 9.06 -14.34
CA PRO B 206 41.92 7.71 -14.14
C PRO B 206 42.50 7.12 -15.42
N PRO B 207 43.17 5.98 -15.33
CA PRO B 207 43.68 5.35 -16.55
C PRO B 207 42.55 5.01 -17.54
N ALA B 208 42.87 4.89 -18.82
CA ALA B 208 41.91 4.57 -19.89
C ALA B 208 42.36 3.38 -20.74
N MET B 209 41.43 2.80 -21.51
CA MET B 209 41.68 1.54 -22.27
C MET B 209 42.12 1.64 -23.73
N LYS B 210 42.05 2.80 -24.35
CA LYS B 210 42.51 2.97 -25.75
C LYS B 210 41.46 2.58 -26.78
N THR B 211 40.63 1.61 -26.42
CA THR B 211 39.49 1.23 -27.24
C THR B 211 38.40 0.79 -26.26
N TYR B 212 37.15 1.05 -26.57
CA TYR B 212 36.11 0.71 -25.61
C TYR B 212 35.13 -0.26 -26.15
N GLU B 213 34.23 -0.63 -25.26
CA GLU B 213 32.90 -1.08 -25.58
C GLU B 213 32.26 -1.71 -24.35
N PRO B 214 31.99 -3.02 -24.40
CA PRO B 214 30.54 -3.01 -24.28
C PRO B 214 29.89 -3.26 -22.92
N ALA B 215 29.48 -2.17 -22.29
CA ALA B 215 28.77 -2.18 -21.04
C ALA B 215 27.70 -3.26 -21.10
N GLU B 216 27.89 -4.38 -20.41
CA GLU B 216 26.86 -5.40 -20.43
C GLU B 216 25.65 -4.78 -19.72
N THR B 217 25.67 -4.48 -18.41
CA THR B 217 26.55 -4.98 -17.35
C THR B 217 25.67 -5.86 -16.46
N VAL B 218 26.22 -6.78 -15.69
CA VAL B 218 25.40 -7.58 -14.78
C VAL B 218 25.87 -7.43 -13.33
N VAL B 219 24.97 -7.67 -12.37
CA VAL B 219 25.30 -7.59 -10.96
C VAL B 219 25.14 -8.94 -10.30
N SER B 220 26.14 -9.35 -9.54
CA SER B 220 26.11 -10.62 -8.83
C SER B 220 26.55 -10.42 -7.39
N ILE B 221 26.31 -11.44 -6.55
CA ILE B 221 26.75 -11.38 -5.19
C ILE B 221 27.31 -12.75 -4.84
N PHE B 222 28.44 -12.75 -4.12
CA PHE B 222 29.25 -13.94 -3.91
C PHE B 222 29.57 -14.01 -2.44
N LYS B 223 29.32 -15.16 -1.82
CA LYS B 223 29.57 -15.30 -0.39
C LYS B 223 30.95 -15.91 -0.13
N LEU B 224 31.65 -15.35 0.85
CA LEU B 224 32.92 -15.89 1.29
C LEU B 224 32.79 -16.29 2.75
N THR B 225 33.18 -17.52 3.05
CA THR B 225 32.99 -18.03 4.41
C THR B 225 34.08 -17.51 5.32
N LYS B 226 33.82 -17.59 6.63
CA LYS B 226 34.82 -17.25 7.64
C LYS B 226 36.11 -17.97 7.39
N ASP B 227 36.01 -19.25 7.06
CA ASP B 227 37.21 -20.07 6.78
C ASP B 227 37.93 -19.59 5.52
N GLN B 228 37.17 -19.32 4.46
CA GLN B 228 37.74 -18.81 3.19
C GLN B 228 38.44 -17.49 3.42
N LEU B 229 37.90 -16.69 4.32
CA LEU B 229 38.49 -15.41 4.65
C LEU B 229 39.76 -15.57 5.46
N THR B 230 39.77 -16.53 6.38
CA THR B 230 40.95 -16.78 7.18
C THR B 230 42.07 -17.26 6.26
N THR B 231 41.75 -18.19 5.37
CA THR B 231 42.72 -18.65 4.38
C THR B 231 43.30 -17.47 3.57
N LEU B 232 42.43 -16.60 3.08
CA LEU B 232 42.89 -15.46 2.33
C LEU B 232 43.88 -14.64 3.15
N LYS B 233 43.53 -14.38 4.40
CA LYS B 233 44.35 -13.51 5.21
C LYS B 233 45.73 -14.11 5.45
N ALA B 234 45.77 -15.44 5.54
CA ALA B 234 47.03 -16.13 5.77
C ALA B 234 47.96 -16.03 4.57
N LYS B 235 47.45 -15.57 3.43
CA LYS B 235 48.25 -15.47 2.21
C LYS B 235 49.25 -14.33 2.30
N SER B 236 49.11 -13.49 3.32
CA SER B 236 50.07 -12.41 3.48
C SER B 236 51.48 -13.00 3.66
N LYS B 237 51.55 -14.25 4.08
CA LYS B 237 52.83 -14.94 4.27
C LYS B 237 53.57 -15.33 2.98
N GLU B 238 52.89 -15.19 1.83
CA GLU B 238 53.48 -15.65 0.57
C GLU B 238 54.75 -14.91 0.18
N ASP B 239 55.65 -15.63 -0.48
CA ASP B 239 56.95 -15.11 -0.89
C ASP B 239 57.68 -14.51 0.30
N GLY B 240 57.65 -15.18 1.44
CA GLY B 240 58.42 -14.77 2.60
C GLY B 240 58.08 -13.43 3.20
N ASN B 241 56.97 -12.83 2.76
CA ASN B 241 56.56 -11.53 3.27
C ASN B 241 56.17 -11.63 4.74
N THR B 242 56.50 -10.58 5.49
CA THR B 242 56.31 -10.60 6.94
C THR B 242 55.33 -9.54 7.41
N THR B 243 55.06 -8.56 6.57
CA THR B 243 54.11 -7.52 6.92
C THR B 243 52.69 -8.11 6.91
N THR B 244 51.92 -7.77 7.93
CA THR B 244 50.54 -8.23 8.02
C THR B 244 49.59 -7.12 7.63
N TYR B 245 48.56 -7.51 6.90
CA TYR B 245 47.57 -6.58 6.42
C TYR B 245 46.22 -7.03 6.97
N SER B 246 45.26 -6.12 7.01
CA SER B 246 43.96 -6.41 7.61
C SER B 246 43.13 -7.33 6.73
N SER B 247 42.06 -7.87 7.32
CA SER B 247 41.11 -8.68 6.58
C SER B 247 40.54 -7.87 5.44
N TYR B 248 40.19 -6.61 5.75
CA TYR B 248 39.65 -5.69 4.78
C TYR B 248 40.64 -5.43 3.63
N GLU B 249 41.89 -5.15 3.98
CA GLU B 249 42.94 -4.88 2.97
C GLU B 249 43.18 -6.07 2.05
N MET B 250 43.20 -7.28 2.61
CA MET B 250 43.48 -8.48 1.83
C MET B 250 42.27 -8.80 0.93
N LEU B 251 41.07 -8.64 1.46
CA LEU B 251 39.88 -8.91 0.67
C LEU B 251 39.76 -7.91 -0.48
N SER B 252 39.95 -6.63 -0.18
CA SER B 252 39.86 -5.63 -1.23
C SER B 252 40.94 -5.79 -2.28
N GLY B 253 42.16 -6.15 -1.85
CA GLY B 253 43.22 -6.39 -2.81
C GLY B 253 42.91 -7.58 -3.68
N HIS B 254 42.40 -8.64 -3.07
CA HIS B 254 41.98 -9.85 -3.76
C HIS B 254 40.88 -9.54 -4.81
N VAL B 255 39.91 -8.72 -4.42
CA VAL B 255 38.85 -8.32 -5.35
C VAL B 255 39.42 -7.52 -6.51
N TRP B 256 40.26 -6.52 -6.21
CA TRP B 256 40.93 -5.75 -7.23
C TRP B 256 41.70 -6.62 -8.19
N ARG B 257 42.55 -7.50 -7.63
CA ARG B 257 43.33 -8.39 -8.44
C ARG B 257 42.43 -9.27 -9.32
N CYS B 258 41.39 -9.82 -8.72
CA CYS B 258 40.49 -10.67 -9.45
C CYS B 258 39.79 -9.95 -10.59
N THR B 259 39.35 -8.73 -10.35
CA THR B 259 38.71 -7.93 -11.38
C THR B 259 39.65 -7.64 -12.56
N CYS B 260 40.91 -7.31 -12.31
CA CYS B 260 41.86 -7.12 -13.41
C CYS B 260 42.05 -8.38 -14.25
N LEU B 261 42.21 -9.53 -13.60
CA LEU B 261 42.31 -10.80 -14.31
C LEU B 261 41.00 -11.15 -15.04
N ALA B 262 39.86 -10.94 -14.37
CA ALA B 262 38.56 -11.26 -14.97
C ALA B 262 38.34 -10.46 -16.26
N ARG B 263 38.81 -9.22 -16.27
CA ARG B 263 38.62 -8.35 -17.41
C ARG B 263 39.69 -8.58 -18.48
N GLY B 264 40.60 -9.51 -18.23
CA GLY B 264 41.65 -9.81 -19.17
C GLY B 264 42.46 -8.58 -19.58
N LEU B 265 42.71 -7.68 -18.64
CA LEU B 265 43.49 -6.48 -18.96
C LEU B 265 44.88 -6.84 -19.41
N PRO B 266 45.39 -6.12 -20.41
CA PRO B 266 46.78 -6.29 -20.80
C PRO B 266 47.74 -6.04 -19.65
N GLU B 267 48.87 -6.76 -19.66
CA GLU B 267 49.89 -6.71 -18.61
C GLU B 267 50.30 -5.29 -18.22
N GLU B 268 50.40 -4.42 -19.21
CA GLU B 268 50.92 -3.08 -18.94
C GLU B 268 49.84 -2.06 -18.54
N GLN B 269 48.58 -2.45 -18.61
CA GLN B 269 47.50 -1.53 -18.38
C GLN B 269 47.47 -1.07 -16.92
N GLU B 270 47.37 0.24 -16.77
CA GLU B 270 47.25 0.86 -15.45
C GLU B 270 45.81 0.73 -14.94
N THR B 271 45.64 0.57 -13.62
CA THR B 271 44.33 0.43 -13.00
C THR B 271 44.33 1.23 -11.70
N LYS B 272 43.18 1.85 -11.45
CA LYS B 272 42.97 2.70 -10.34
C LYS B 272 41.77 2.18 -9.55
N LEU B 273 41.95 2.09 -8.25
CA LEU B 273 40.93 1.57 -7.34
C LEU B 273 40.46 2.70 -6.45
N TYR B 274 39.14 2.90 -6.33
CA TYR B 274 38.57 3.98 -5.55
C TYR B 274 37.97 3.37 -4.28
N ILE B 275 38.49 3.81 -3.14
CA ILE B 275 38.07 3.30 -1.85
C ILE B 275 37.48 4.42 -1.01
N ALA B 276 36.23 4.26 -0.63
CA ALA B 276 35.58 5.24 0.23
C ALA B 276 36.21 5.12 1.59
N THR B 277 36.49 6.27 2.18
CA THR B 277 37.06 6.31 3.53
C THR B 277 36.40 7.38 4.39
N ASP B 278 36.03 6.99 5.61
CA ASP B 278 35.33 7.90 6.54
C ASP B 278 36.30 8.76 7.34
N GLY B 279 36.21 10.07 7.15
CA GLY B 279 37.11 10.99 7.81
C GLY B 279 36.78 11.18 9.28
N ARG B 280 35.66 10.63 9.72
CA ARG B 280 35.25 10.81 11.11
C ARG B 280 36.36 10.23 11.99
N SER B 281 37.05 9.20 11.50
CA SER B 281 38.09 8.53 12.29
C SER B 281 39.36 9.33 12.41
N ARG B 282 39.64 10.10 11.38
CA ARG B 282 40.96 10.68 11.17
C ARG B 282 41.01 12.18 11.37
N LEU B 283 39.86 12.87 11.24
CA LEU B 283 39.87 14.31 11.37
C LEU B 283 40.24 14.73 12.79
N GLN B 284 41.03 15.80 12.90
CA GLN B 284 41.40 16.37 14.19
C GLN B 284 41.10 17.86 14.25
N PRO B 285 40.51 18.32 15.35
CA PRO B 285 40.04 17.57 16.52
C PRO B 285 38.90 16.63 16.15
N GLN B 286 38.60 15.64 16.99
CA GLN B 286 37.61 14.64 16.67
C GLN B 286 36.26 15.32 16.43
N LEU B 287 35.64 15.02 15.30
CA LEU B 287 34.28 15.46 15.05
C LEU B 287 33.35 14.98 16.15
N PRO B 288 32.37 15.81 16.53
CA PRO B 288 31.40 15.38 17.55
C PRO B 288 30.73 14.07 17.20
N PRO B 289 30.41 13.25 18.20
CA PRO B 289 29.69 12.01 17.89
C PRO B 289 28.34 12.32 17.26
N GLY B 290 27.91 11.52 16.30
CA GLY B 290 26.63 11.74 15.67
C GLY B 290 26.65 12.89 14.67
N TYR B 291 27.85 13.37 14.33
CA TYR B 291 28.00 14.38 13.29
C TYR B 291 27.21 13.99 12.07
N PHE B 292 26.33 14.89 11.66
CA PHE B 292 25.36 14.65 10.62
C PHE B 292 25.73 15.35 9.33
N GLY B 293 26.11 14.57 8.34
CA GLY B 293 26.45 15.09 7.04
C GLY B 293 27.36 14.12 6.31
N ASN B 294 28.17 14.66 5.40
CA ASN B 294 29.12 13.89 4.61
C ASN B 294 30.55 14.08 5.12
N VAL B 295 31.23 12.96 5.37
CA VAL B 295 32.64 12.98 5.76
C VAL B 295 33.41 11.89 5.02
N ILE B 296 32.98 11.55 3.82
CA ILE B 296 33.62 10.49 3.08
C ILE B 296 34.64 11.09 2.12
N PHE B 297 35.85 10.56 2.20
CA PHE B 297 36.96 10.97 1.36
C PHE B 297 37.28 9.73 0.56
N THR B 298 38.17 9.85 -0.42
CA THR B 298 38.48 8.72 -1.29
C THR B 298 39.97 8.39 -1.35
N ALA B 299 40.32 7.16 -1.04
CA ALA B 299 41.68 6.67 -1.26
C ALA B 299 41.72 6.04 -2.63
N THR B 300 42.77 6.31 -3.41
CA THR B 300 42.83 5.80 -4.77
C THR B 300 44.23 5.25 -5.05
N PRO B 301 44.49 4.01 -4.63
CA PRO B 301 45.72 3.35 -5.08
C PRO B 301 45.75 3.12 -6.59
N LEU B 302 46.95 3.13 -7.12
CA LEU B 302 47.21 2.91 -8.55
C LEU B 302 48.14 1.72 -8.73
N ALA B 303 47.93 0.93 -9.79
CA ALA B 303 48.82 -0.19 -10.07
C ALA B 303 48.85 -0.54 -11.53
N VAL B 304 49.77 -1.44 -11.87
CA VAL B 304 49.82 -2.07 -13.15
C VAL B 304 49.21 -3.47 -13.06
N ALA B 305 48.31 -3.77 -14.00
CA ALA B 305 47.52 -5.00 -13.95
C ALA B 305 48.40 -6.26 -13.94
N GLY B 306 49.44 -6.21 -14.75
CA GLY B 306 50.44 -7.28 -14.75
C GLY B 306 51.10 -7.50 -13.41
N ASP B 307 51.31 -6.41 -12.67
CA ASP B 307 51.93 -6.54 -11.36
C ASP B 307 50.91 -7.16 -10.41
N LEU B 308 49.68 -6.66 -10.43
CA LEU B 308 48.65 -7.24 -9.57
C LEU B 308 48.50 -8.72 -9.88
N GLY B 309 48.54 -9.04 -11.16
CA GLY B 309 48.36 -10.40 -11.60
C GLY B 309 49.45 -11.37 -11.20
N SER B 310 50.71 -10.96 -11.32
CA SER B 310 51.81 -11.90 -11.14
C SER B 310 52.33 -11.91 -9.70
N LYS B 311 51.79 -11.04 -8.85
CA LYS B 311 52.27 -10.92 -7.49
C LYS B 311 51.22 -11.36 -6.50
N PRO B 312 51.64 -11.69 -5.27
CA PRO B 312 50.67 -12.13 -4.25
C PRO B 312 49.60 -11.07 -3.97
N VAL B 313 48.48 -11.49 -3.39
CA VAL B 313 47.43 -10.56 -3.03
C VAL B 313 47.99 -9.49 -2.12
N TRP B 314 48.97 -9.82 -1.28
CA TRP B 314 49.44 -8.80 -0.37
C TRP B 314 50.09 -7.62 -1.08
N TYR B 315 50.48 -7.77 -2.34
CA TYR B 315 51.00 -6.63 -3.08
C TYR B 315 49.87 -5.60 -3.25
N ALA B 316 48.72 -6.07 -3.68
CA ALA B 316 47.55 -5.22 -3.84
C ALA B 316 47.11 -4.65 -2.46
N ALA B 317 47.09 -5.52 -1.46
CA ALA B 317 46.68 -5.11 -0.12
C ALA B 317 47.63 -4.00 0.39
N SER B 318 48.90 -4.11 0.02
CA SER B 318 49.92 -3.13 0.44
C SER B 318 49.67 -1.74 -0.12
N LYS B 319 49.37 -1.69 -1.42
CA LYS B 319 48.96 -0.45 -2.08
C LYS B 319 47.73 0.17 -1.47
N ILE B 320 46.78 -0.68 -1.07
CA ILE B 320 45.59 -0.21 -0.41
C ILE B 320 45.92 0.37 0.96
N HIS B 321 46.73 -0.37 1.71
CA HIS B 321 47.14 0.07 3.02
C HIS B 321 47.80 1.44 2.94
N ASP B 322 48.70 1.58 1.99
CA ASP B 322 49.48 2.82 1.87
C ASP B 322 48.56 3.98 1.51
N ALA B 323 47.60 3.71 0.65
CA ALA B 323 46.70 4.76 0.16
C ALA B 323 45.81 5.25 1.26
N LEU B 324 45.41 4.32 2.12
CA LEU B 324 44.61 4.66 3.29
C LEU B 324 45.46 5.35 4.37
N ALA B 325 46.67 4.84 4.61
CA ALA B 325 47.51 5.43 5.64
C ALA B 325 47.75 6.91 5.39
N ARG B 326 47.85 7.31 4.12
CA ARG B 326 47.98 8.71 3.68
C ARG B 326 46.94 9.66 4.21
N MET B 327 45.73 9.12 4.37
CA MET B 327 44.56 9.92 4.66
C MET B 327 44.51 10.38 6.12
N ASP B 328 45.57 11.00 6.61
CA ASP B 328 45.50 11.57 7.93
C ASP B 328 44.87 12.96 7.86
N ASN B 329 44.75 13.59 9.01
CA ASN B 329 44.10 14.88 9.09
C ASN B 329 44.67 15.93 8.12
N ASP B 330 46.00 16.03 8.00
CA ASP B 330 46.58 17.00 7.06
C ASP B 330 46.13 16.78 5.63
N TYR B 331 46.06 15.52 5.23
CA TYR B 331 45.68 15.20 3.86
C TYR B 331 44.22 15.52 3.64
N LEU B 332 43.39 15.19 4.64
CA LEU B 332 41.96 15.47 4.54
C LEU B 332 41.70 16.96 4.55
N ARG B 333 42.48 17.72 5.30
CA ARG B 333 42.32 19.18 5.28
C ARG B 333 42.83 19.72 3.94
N SER B 334 43.86 19.10 3.39
CA SER B 334 44.35 19.46 2.06
C SER B 334 43.24 19.25 1.03
N ALA B 335 42.60 18.10 1.14
CA ALA B 335 41.50 17.83 0.21
C ALA B 335 40.39 18.87 0.30
N LEU B 336 39.98 19.27 1.49
CA LEU B 336 38.93 20.31 1.60
C LEU B 336 39.37 21.61 0.94
N ASP B 337 40.67 21.90 0.99
CA ASP B 337 41.23 23.12 0.41
C ASP B 337 41.29 23.00 -1.10
N PHE B 338 41.67 21.81 -1.56
CA PHE B 338 41.73 21.51 -2.99
C PHE B 338 40.35 21.72 -3.60
N LEU B 339 39.32 21.15 -2.97
CA LEU B 339 37.97 21.35 -3.44
C LEU B 339 37.54 22.84 -3.44
N GLU B 340 37.98 23.61 -2.44
CA GLU B 340 37.60 25.01 -2.33
C GLU B 340 38.04 25.78 -3.57
N LEU B 341 39.16 25.36 -4.15
CA LEU B 341 39.72 26.08 -5.30
C LEU B 341 39.19 25.58 -6.64
N GLN B 342 38.42 24.52 -6.62
CA GLN B 342 37.88 24.00 -7.86
C GLN B 342 36.76 24.89 -8.36
N PRO B 343 36.73 25.15 -9.66
CA PRO B 343 35.64 25.96 -10.23
C PRO B 343 34.27 25.31 -10.15
N ASP B 344 34.20 23.99 -10.32
CA ASP B 344 32.93 23.28 -10.45
C ASP B 344 32.97 21.94 -9.72
N LEU B 345 32.40 21.89 -8.51
CA LEU B 345 32.43 20.69 -7.70
C LEU B 345 31.63 19.54 -8.31
N LYS B 346 30.51 19.83 -8.97
CA LYS B 346 29.73 18.73 -9.56
C LYS B 346 30.55 18.00 -10.63
N ALA B 347 31.54 18.68 -11.19
CA ALA B 347 32.40 18.05 -12.19
C ALA B 347 33.25 16.95 -11.59
N LEU B 348 33.33 16.88 -10.27
CA LEU B 348 34.23 15.95 -9.59
C LEU B 348 33.50 14.75 -9.07
N VAL B 349 32.18 14.81 -9.13
CA VAL B 349 31.35 13.68 -8.82
C VAL B 349 31.66 12.59 -9.81
N ARG B 350 31.85 11.39 -9.27
CA ARG B 350 32.25 10.25 -10.08
C ARG B 350 31.02 9.54 -10.56
N GLY B 351 31.11 9.04 -11.79
CA GLY B 351 30.05 8.26 -12.41
C GLY B 351 30.56 7.06 -13.15
N ALA B 352 29.75 6.58 -14.09
CA ALA B 352 30.02 5.38 -14.86
C ALA B 352 31.42 5.41 -15.46
N HIS B 353 31.80 6.58 -15.94
CA HIS B 353 33.02 6.72 -16.70
C HIS B 353 34.22 6.40 -15.82
N THR B 354 34.09 6.72 -14.53
CA THR B 354 35.16 6.52 -13.57
C THR B 354 35.50 5.06 -13.34
N PHE B 355 34.47 4.20 -13.35
CA PHE B 355 34.58 2.82 -12.86
C PHE B 355 34.59 1.80 -13.98
N ARG B 356 34.38 2.31 -15.17
CA ARG B 356 34.59 1.54 -16.39
C ARG B 356 35.93 0.86 -16.27
N CYS B 357 36.03 -0.32 -16.84
CA CYS B 357 37.30 -0.93 -17.14
C CYS B 357 38.33 0.15 -17.62
N PRO B 358 39.53 0.19 -17.04
CA PRO B 358 40.25 -0.75 -16.18
C PRO B 358 40.10 -0.53 -14.69
N ASN B 359 39.28 0.41 -14.27
CA ASN B 359 39.26 0.86 -12.87
C ASN B 359 38.13 0.23 -12.07
N LEU B 360 38.04 0.57 -10.79
CA LEU B 360 37.19 -0.16 -9.89
C LEU B 360 36.86 0.66 -8.69
N GLY B 361 35.65 0.48 -8.17
CA GLY B 361 35.31 1.05 -6.88
C GLY B 361 34.94 -0.07 -5.92
N ILE B 362 35.42 0.02 -4.67
CA ILE B 362 35.06 -0.95 -3.66
C ILE B 362 34.64 -0.21 -2.41
N THR B 363 33.39 -0.43 -2.00
CA THR B 363 32.86 0.14 -0.80
C THR B 363 32.57 -0.97 0.23
N SER B 364 33.09 -0.84 1.45
CA SER B 364 32.91 -1.88 2.45
C SER B 364 31.98 -1.39 3.53
N TRP B 365 30.96 -2.21 3.79
CA TRP B 365 30.00 -1.98 4.87
C TRP B 365 30.22 -3.00 5.97
N VAL B 366 31.30 -3.75 5.84
CA VAL B 366 31.58 -4.88 6.72
C VAL B 366 31.55 -4.46 8.18
N ARG B 367 32.03 -3.26 8.45
CA ARG B 367 32.10 -2.83 9.83
C ARG B 367 30.88 -2.10 10.41
N LEU B 368 29.86 -1.92 9.59
CA LEU B 368 28.73 -1.06 9.92
C LEU B 368 27.51 -1.83 10.43
N PRO B 369 26.73 -1.21 11.33
CA PRO B 369 25.58 -1.92 11.90
C PRO B 369 24.37 -1.92 10.94
N ILE B 370 24.56 -2.39 9.71
CA ILE B 370 23.52 -2.29 8.71
C ILE B 370 22.29 -3.16 9.00
N HIS B 371 22.45 -4.21 9.81
CA HIS B 371 21.32 -5.07 10.13
C HIS B 371 20.65 -4.76 11.49
N ASP B 372 21.04 -3.65 12.12
CA ASP B 372 20.43 -3.28 13.40
C ASP B 372 19.04 -2.62 13.26
N ALA B 373 18.52 -2.53 12.03
CA ALA B 373 17.22 -1.91 11.78
C ALA B 373 16.10 -2.90 12.07
N ASP B 374 15.92 -3.17 13.36
CA ASP B 374 14.83 -3.99 13.86
C ASP B 374 13.75 -3.04 14.36
N PHE B 375 12.63 -3.02 13.65
CA PHE B 375 11.52 -2.10 13.95
C PHE B 375 10.49 -2.76 14.90
N GLY B 376 10.82 -3.94 15.39
CA GLY B 376 9.98 -4.63 16.37
C GLY B 376 9.61 -6.04 15.93
N TRP B 377 9.93 -6.37 14.68
CA TRP B 377 9.57 -7.64 14.12
C TRP B 377 10.76 -8.45 13.62
N GLY B 378 11.94 -8.06 14.08
CA GLY B 378 13.18 -8.74 13.77
C GLY B 378 14.14 -7.92 12.92
N ARG B 379 15.39 -8.36 12.95
CA ARG B 379 16.43 -7.80 12.09
C ARG B 379 16.20 -8.23 10.66
N PRO B 380 16.62 -7.39 9.71
CA PRO B 380 16.49 -7.74 8.30
C PRO B 380 17.30 -8.97 7.97
N ILE B 381 16.82 -9.77 7.02
CA ILE B 381 17.55 -10.92 6.55
C ILE B 381 18.51 -10.50 5.43
N PHE B 382 18.32 -9.29 4.93
CA PHE B 382 19.26 -8.70 3.98
C PHE B 382 19.18 -7.21 4.01
N MET B 383 20.34 -6.57 3.90
CA MET B 383 20.45 -5.14 3.71
C MET B 383 21.51 -4.94 2.67
N GLY B 384 21.22 -4.17 1.63
CA GLY B 384 22.22 -3.88 0.61
C GLY B 384 21.93 -2.62 -0.15
N PRO B 385 22.85 -2.21 -1.03
CA PRO B 385 22.54 -1.07 -1.89
C PRO B 385 21.38 -1.40 -2.81
N GLY B 386 20.56 -0.40 -3.11
CA GLY B 386 19.38 -0.58 -3.93
C GLY B 386 19.63 -0.50 -5.41
N GLY B 387 20.54 -1.32 -5.89
CA GLY B 387 20.84 -1.39 -7.31
C GLY B 387 22.17 -0.70 -7.58
N ILE B 388 23.17 -1.49 -7.97
CA ILE B 388 24.42 -0.93 -8.48
C ILE B 388 24.15 -0.51 -9.93
N ALA B 389 24.49 0.73 -10.27
CA ALA B 389 24.05 1.29 -11.55
C ALA B 389 24.90 0.87 -12.76
N TYR B 390 26.21 0.76 -12.58
CA TYR B 390 27.11 0.47 -13.70
C TYR B 390 28.35 -0.33 -13.29
N GLU B 391 29.02 -0.90 -14.29
CA GLU B 391 30.08 -1.84 -14.06
C GLU B 391 31.21 -1.17 -13.30
N GLY B 392 31.90 -1.99 -12.55
CA GLY B 392 33.15 -1.56 -11.92
C GLY B 392 32.95 -1.02 -10.52
N LEU B 393 31.76 -1.22 -9.95
CA LEU B 393 31.50 -0.89 -8.56
C LEU B 393 31.23 -2.15 -7.77
N SER B 394 31.75 -2.22 -6.55
CA SER B 394 31.51 -3.37 -5.70
C SER B 394 31.28 -2.94 -4.28
N PHE B 395 30.52 -3.77 -3.58
CA PHE B 395 30.18 -3.56 -2.18
C PHE B 395 30.51 -4.86 -1.42
N VAL B 396 31.02 -4.69 -0.21
CA VAL B 396 31.32 -5.83 0.64
C VAL B 396 30.39 -5.77 1.81
N LEU B 397 29.55 -6.80 1.97
CA LEU B 397 28.47 -6.79 2.95
C LEU B 397 28.70 -7.83 4.05
N PRO B 398 28.60 -7.41 5.31
CA PRO B 398 28.70 -8.39 6.40
C PRO B 398 27.46 -9.27 6.45
N SER B 399 27.62 -10.42 7.08
CA SER B 399 26.51 -11.33 7.18
C SER B 399 25.51 -10.84 8.23
N PRO B 400 24.23 -11.02 7.94
CA PRO B 400 23.27 -10.67 8.98
C PRO B 400 23.36 -11.61 10.16
N THR B 401 23.86 -12.80 9.90
CA THR B 401 24.02 -13.80 10.93
C THR B 401 25.27 -13.48 11.69
N ASN B 402 25.74 -14.43 12.50
CA ASN B 402 26.97 -14.22 13.23
C ASN B 402 28.07 -15.15 12.74
N ASP B 403 27.90 -15.69 11.54
CA ASP B 403 28.74 -16.79 11.09
C ASP B 403 30.07 -16.32 10.50
N GLY B 404 30.30 -15.00 10.48
CA GLY B 404 31.59 -14.46 10.10
C GLY B 404 31.85 -14.46 8.61
N SER B 405 30.84 -14.83 7.84
CA SER B 405 30.91 -14.75 6.40
C SER B 405 30.64 -13.31 5.92
N LEU B 406 30.99 -13.01 4.69
CA LEU B 406 30.56 -11.76 4.09
C LEU B 406 30.28 -12.00 2.63
N SER B 407 29.76 -10.98 1.97
CA SER B 407 29.39 -11.12 0.57
C SER B 407 30.02 -10.00 -0.26
N VAL B 408 30.44 -10.36 -1.47
CA VAL B 408 30.94 -9.39 -2.42
C VAL B 408 29.93 -9.25 -3.52
N ALA B 409 29.28 -8.10 -3.55
CA ALA B 409 28.37 -7.73 -4.63
C ALA B 409 29.15 -6.86 -5.61
N ILE B 410 29.00 -7.15 -6.89
CA ILE B 410 29.79 -6.50 -7.88
C ILE B 410 29.05 -6.44 -9.21
N SER B 411 29.30 -5.33 -9.88
CA SER B 411 28.83 -5.08 -11.22
C SER B 411 29.98 -5.18 -12.24
N LEU B 412 29.83 -6.09 -13.19
CA LEU B 412 30.81 -6.29 -14.24
C LEU B 412 30.12 -6.67 -15.54
N GLN B 413 30.87 -6.61 -16.63
CA GLN B 413 30.39 -7.17 -17.88
C GLN B 413 30.23 -8.68 -17.76
N ALA B 414 29.24 -9.20 -18.47
CA ALA B 414 28.82 -10.58 -18.25
C ALA B 414 29.95 -11.58 -18.46
N GLU B 415 30.70 -11.39 -19.53
CA GLU B 415 31.81 -12.27 -19.86
C GLU B 415 32.86 -12.21 -18.71
N HIS B 416 33.10 -11.01 -18.21
CA HIS B 416 34.07 -10.84 -17.14
C HIS B 416 33.56 -11.45 -15.84
N MET B 417 32.25 -11.39 -15.61
CA MET B 417 31.69 -11.89 -14.37
C MET B 417 31.91 -13.38 -14.19
N LYS B 418 31.78 -14.15 -15.27
CA LYS B 418 31.97 -15.59 -15.22
C LYS B 418 33.38 -15.93 -14.77
N LEU B 419 34.37 -15.21 -15.29
CA LEU B 419 35.76 -15.42 -14.86
C LEU B 419 35.95 -14.95 -13.41
N PHE B 420 35.37 -13.81 -13.09
CA PHE B 420 35.48 -13.26 -11.75
C PHE B 420 35.06 -14.25 -10.67
N GLU B 421 33.97 -14.97 -10.91
CA GLU B 421 33.46 -15.84 -9.85
C GLU B 421 34.42 -17.00 -9.66
N LYS B 422 34.94 -17.52 -10.75
CA LYS B 422 36.03 -18.52 -10.65
C LYS B 422 37.22 -17.95 -9.83
N LEU B 423 37.72 -16.79 -10.22
CA LEU B 423 38.90 -16.24 -9.59
C LEU B 423 38.70 -15.92 -8.12
N LEU B 424 37.52 -15.42 -7.76
CA LEU B 424 37.28 -15.01 -6.39
C LEU B 424 37.50 -16.14 -5.39
N TYR B 425 37.17 -17.37 -5.79
CA TYR B 425 37.28 -18.51 -4.89
C TYR B 425 38.58 -19.28 -5.08
N GLN B 426 39.48 -18.76 -5.92
CA GLN B 426 40.81 -19.32 -6.00
C GLN B 426 41.59 -18.68 -4.87
N ILE B 427 41.42 -19.28 -3.70
CA ILE B 427 42.08 -18.85 -2.48
C ILE B 427 42.84 -20.05 -1.91
#